data_5WJ1
#
_entry.id   5WJ1
#
_cell.length_a   179.957
_cell.length_b   179.957
_cell.length_c   185.350
_cell.angle_alpha   90.00
_cell.angle_beta   90.00
_cell.angle_gamma   120.00
#
_symmetry.space_group_name_H-M   'P 64 2 2'
#
loop_
_entity.id
_entity.type
_entity.pdbx_description
1 polymer 'Acetolactate synthase, chloroplastic'
2 non-polymer 'MAGNESIUM ION'
3 non-polymer 'FLAVIN-ADENINE DINUCLEOTIDE'
4 non-polymer 'POTASSIUM ION'
5 non-polymer 2-(2,2-difluoroethoxy)-N-(5,8-dimethoxy[1,2,4]triazolo[1,5-c]pyrimidin-2-yl)-6-(trifluoromethyl)benzenesulfonamide
6 non-polymer 'ETHANEPEROXOIC ACID'
7 non-polymer '(3Z)-4-{[(4-AMINO-2-METHYLPYRIMIDIN-5-YL)METHYL]AMINO}-3-MERCAPTOPENT-3-EN-1-YL TRIHYDROGEN DIPHOSPHATE'
8 water water
#
_entity_poly.entity_id   1
_entity_poly.type   'polypeptide(L)'
_entity_poly.pdbx_seq_one_letter_code
;TFISRFAPDQPRKGADILVEALERQGVETVFAYPGGASMEIHQALTRSSSIRNVLPRHEQGGVFAAEGYARSSGKPGICI
ATSGPGATNLVSGLADALLDSVPLVAITGQVPRRMIGTDAFQETPIVEVTRSITKHNYLVMDVEDIPRIIEEAFFLATSG
RPGPVLVDVPKDIQQQLAIPNWEQAMRLPGYMSRMPKPPEDSHLEQIVRLISESKKPVLYVGGGCLNSSDELGRFVELTG
IPVASTLMGLGSYPCDDELSLHMLGMHGTVYANYAVEHSDLLLAFGVRFDDRVTGKLEAFASRAKIVHIDIDSAEIGKNK
TPHVSVCGDVKLALQGMNKVLENRAEELKLDFGVWRNELNVQKQKFPLSFKTFGEAIPPQYAIKVLDELTDGKAIISTGV
GQHQMWAAQFYNYKKPRQWLSSGGLGAMGFGLPAAIGASVANPDAIVVDIDGDGSFIMNVQELATIRVENLPVKVLLLNN
QHLGMVMQWEDRFYKANRAHTFLGDPAQEDEIFPNMLLFAAACGIPAARVTKKADLREAIQTMLDTPGPYLLDVICPHQE
HVLPMIPSGGTFNDVITEGDGRLEHHHHHH
;
_entity_poly.pdbx_strand_id   A
#
loop_
_chem_comp.id
_chem_comp.type
_chem_comp.name
_chem_comp.formula
F50 non-polymer 'ETHANEPEROXOIC ACID' 'C2 H4 O3'
FAD non-polymer 'FLAVIN-ADENINE DINUCLEOTIDE' 'C27 H33 N9 O15 P2'
K non-polymer 'POTASSIUM ION' 'K 1'
MG non-polymer 'MAGNESIUM ION' 'Mg 2'
PXD non-polymer 2-(2,2-difluoroethoxy)-N-(5,8-dimethoxy[1,2,4]triazolo[1,5-c]pyrimidin-2-yl)-6-(trifluoromethyl)benzenesulfonamide 'C16 H14 F5 N5 O5 S'
TP9 non-polymer '(3Z)-4-{[(4-AMINO-2-METHYLPYRIMIDIN-5-YL)METHYL]AMINO}-3-MERCAPTOPENT-3-EN-1-YL TRIHYDROGEN DIPHOSPHATE' 'C11 H18 N4 O7 P2 S -2'
#
# COMPACT_ATOMS: atom_id res chain seq x y z
N THR A 1 -21.65 -17.31 18.00
CA THR A 1 -22.48 -16.57 18.95
C THR A 1 -21.63 -15.67 19.85
N PHE A 2 -21.81 -14.36 19.68
CA PHE A 2 -21.02 -13.36 20.41
C PHE A 2 -21.46 -13.27 21.87
N ILE A 3 -20.48 -13.07 22.76
CA ILE A 3 -20.77 -12.92 24.18
C ILE A 3 -20.43 -11.52 24.67
N SER A 4 -21.46 -10.77 25.07
CA SER A 4 -21.27 -9.40 25.56
C SER A 4 -20.87 -9.38 27.03
N ARG A 5 -20.19 -8.31 27.44
CA ARG A 5 -19.82 -8.13 28.83
C ARG A 5 -20.96 -7.47 29.60
N PHE A 6 -22.05 -7.20 28.90
CA PHE A 6 -23.20 -6.54 29.51
C PHE A 6 -24.47 -7.38 29.36
N ALA A 7 -25.41 -7.18 30.29
CA ALA A 7 -26.71 -7.84 30.21
C ALA A 7 -27.56 -7.19 29.13
N PRO A 8 -28.39 -8.00 28.45
CA PRO A 8 -29.23 -7.51 27.34
C PRO A 8 -30.19 -6.38 27.74
N ASP A 9 -30.51 -6.31 29.02
CA ASP A 9 -31.42 -5.27 29.51
C ASP A 9 -30.66 -4.19 30.27
N GLN A 10 -29.33 -4.25 30.22
CA GLN A 10 -28.51 -3.32 30.98
C GLN A 10 -28.01 -2.17 30.11
N PRO A 11 -28.43 -0.94 30.44
CA PRO A 11 -27.93 0.24 29.73
C PRO A 11 -26.44 0.45 30.01
N ARG A 12 -25.73 0.95 29.01
N ARG A 12 -25.72 0.95 29.02
CA ARG A 12 -24.30 1.20 29.12
CA ARG A 12 -24.30 1.23 29.19
C ARG A 12 -23.91 2.44 28.32
C ARG A 12 -23.85 2.34 28.25
N LYS A 13 -22.70 2.94 28.54
CA LYS A 13 -22.21 4.11 27.81
C LYS A 13 -22.10 3.86 26.31
N GLY A 14 -22.32 4.92 25.53
CA GLY A 14 -22.18 4.85 24.08
C GLY A 14 -20.79 4.41 23.67
N ALA A 15 -19.80 4.82 24.46
CA ALA A 15 -18.41 4.43 24.21
C ALA A 15 -18.24 2.92 24.35
N ASP A 16 -18.96 2.32 25.30
CA ASP A 16 -18.91 0.88 25.48
C ASP A 16 -19.68 0.17 24.37
N ILE A 17 -20.68 0.85 23.81
CA ILE A 17 -21.43 0.32 22.69
C ILE A 17 -20.55 0.30 21.45
N LEU A 18 -19.75 1.35 21.29
CA LEU A 18 -18.85 1.47 20.14
C LEU A 18 -17.76 0.40 20.18
N VAL A 19 -17.17 0.18 21.35
CA VAL A 19 -16.11 -0.82 21.48
C VAL A 19 -16.64 -2.23 21.24
N GLU A 20 -17.83 -2.53 21.77
CA GLU A 20 -18.45 -3.82 21.52
C GLU A 20 -18.80 -3.97 20.04
N ALA A 21 -19.19 -2.88 19.40
CA ALA A 21 -19.49 -2.89 17.98
C ALA A 21 -18.27 -3.30 17.17
N LEU A 22 -17.10 -2.86 17.63
CA LEU A 22 -15.84 -3.25 17.00
C LEU A 22 -15.55 -4.72 17.23
N GLU A 23 -15.81 -5.20 18.45
CA GLU A 23 -15.61 -6.61 18.78
C GLU A 23 -16.49 -7.51 17.92
N ARG A 24 -17.72 -7.08 17.69
CA ARG A 24 -18.65 -7.85 16.88
C ARG A 24 -18.25 -7.85 15.40
N GLN A 25 -17.39 -6.91 15.03
CA GLN A 25 -16.83 -6.88 13.67
C GLN A 25 -15.57 -7.72 13.60
N GLY A 26 -15.13 -8.23 14.74
CA GLY A 26 -13.95 -9.08 14.81
C GLY A 26 -12.64 -8.33 14.97
N VAL A 27 -12.72 -7.05 15.29
CA VAL A 27 -11.52 -6.23 15.51
C VAL A 27 -10.68 -6.77 16.67
N GLU A 28 -9.40 -6.96 16.42
CA GLU A 28 -8.49 -7.45 17.45
C GLU A 28 -7.44 -6.42 17.83
N THR A 29 -7.24 -5.44 16.95
CA THR A 29 -6.19 -4.45 17.14
C THR A 29 -6.65 -3.07 16.66
N VAL A 30 -6.44 -2.06 17.50
CA VAL A 30 -6.67 -0.67 17.10
C VAL A 30 -5.40 0.13 17.36
N PHE A 31 -5.29 1.27 16.68
CA PHE A 31 -4.18 2.19 16.88
C PHE A 31 -4.76 3.52 17.34
N ALA A 32 -4.83 3.69 18.66
CA ALA A 32 -5.57 4.79 19.26
C ALA A 32 -4.68 5.70 20.10
N TYR A 33 -4.82 7.01 19.87
CA TYR A 33 -4.09 8.02 20.65
C TYR A 33 -5.09 8.90 21.40
N PRO A 34 -5.02 8.89 22.74
CA PRO A 34 -6.06 9.50 23.58
C PRO A 34 -6.07 11.03 23.60
N GLY A 35 -7.25 11.58 23.87
CA GLY A 35 -7.43 13.00 24.07
C GLY A 35 -8.78 13.22 24.75
N GLY A 36 -9.06 14.46 25.13
CA GLY A 36 -10.25 14.79 25.88
C GLY A 36 -11.56 14.30 25.28
N ALA A 37 -11.72 14.51 23.98
CA ALA A 37 -12.95 14.14 23.29
C ALA A 37 -13.09 12.63 23.08
N SER A 38 -12.01 11.87 23.25
CA SER A 38 -12.07 10.43 23.04
C SER A 38 -11.71 9.63 24.29
N MET A 39 -11.65 10.31 25.44
CA MET A 39 -11.30 9.66 26.70
C MET A 39 -12.23 8.51 27.05
N GLU A 40 -13.53 8.72 26.86
CA GLU A 40 -14.53 7.71 27.17
C GLU A 40 -14.32 6.45 26.34
N ILE A 41 -13.92 6.64 25.10
CA ILE A 41 -13.65 5.51 24.21
C ILE A 41 -12.44 4.72 24.70
N HIS A 42 -11.42 5.44 25.17
CA HIS A 42 -10.22 4.79 25.67
C HIS A 42 -10.49 4.06 26.98
N GLN A 43 -11.35 4.62 27.83
CA GLN A 43 -11.76 3.96 29.06
C GLN A 43 -12.48 2.65 28.73
N ALA A 44 -13.33 2.69 27.72
CA ALA A 44 -14.09 1.51 27.29
C ALA A 44 -13.17 0.46 26.66
N LEU A 45 -12.09 0.91 26.03
CA LEU A 45 -11.11 0.00 25.44
C LEU A 45 -10.42 -0.86 26.49
N THR A 46 -10.13 -0.27 27.65
CA THR A 46 -9.47 -1.01 28.73
C THR A 46 -10.37 -2.09 29.29
N ARG A 47 -11.68 -1.91 29.14
CA ARG A 47 -12.65 -2.89 29.62
C ARG A 47 -12.81 -4.05 28.65
N SER A 48 -12.24 -3.91 27.46
CA SER A 48 -12.26 -5.00 26.48
C SER A 48 -11.09 -5.95 26.69
N SER A 49 -11.37 -7.24 26.64
CA SER A 49 -10.34 -8.26 26.82
C SER A 49 -9.87 -8.85 25.50
N SER A 50 -10.52 -8.44 24.40
CA SER A 50 -10.21 -9.01 23.10
C SER A 50 -9.51 -8.02 22.17
N ILE A 51 -9.66 -6.73 22.43
CA ILE A 51 -9.03 -5.71 21.59
C ILE A 51 -7.75 -5.17 22.21
N ARG A 52 -6.66 -5.24 21.46
CA ARG A 52 -5.39 -4.67 21.87
C ARG A 52 -5.20 -3.29 21.26
N ASN A 53 -4.73 -2.35 22.06
CA ASN A 53 -4.37 -1.04 21.53
C ASN A 53 -2.86 -0.89 21.39
N VAL A 54 -2.44 -0.43 20.22
CA VAL A 54 -1.07 -0.02 20.02
C VAL A 54 -1.02 1.51 20.02
N LEU A 55 -0.46 2.07 21.09
CA LEU A 55 -0.35 3.52 21.24
C LEU A 55 0.80 4.07 20.41
N PRO A 56 0.49 4.87 19.38
CA PRO A 56 1.52 5.51 18.57
C PRO A 56 2.04 6.77 19.26
N ARG A 57 3.01 7.45 18.64
CA ARG A 57 3.53 8.67 19.23
C ARG A 57 3.08 9.88 18.41
N HIS A 58 2.30 9.60 17.37
CA HIS A 58 1.74 10.63 16.50
C HIS A 58 0.59 9.97 15.74
N GLU A 59 -0.54 10.67 15.59
CA GLU A 59 -1.71 10.08 14.94
C GLU A 59 -1.47 9.75 13.47
N GLN A 60 -0.55 10.46 12.82
CA GLN A 60 -0.16 10.08 11.46
C GLN A 60 0.50 8.70 11.52
N GLY A 61 1.24 8.46 12.59
CA GLY A 61 1.83 7.15 12.83
C GLY A 61 0.73 6.12 13.03
N GLY A 62 -0.32 6.51 13.76
CA GLY A 62 -1.45 5.65 14.00
C GLY A 62 -2.17 5.21 12.75
N VAL A 63 -2.47 6.18 11.87
CA VAL A 63 -3.23 5.86 10.66
C VAL A 63 -2.37 5.10 9.64
N PHE A 64 -1.08 5.42 9.57
CA PHE A 64 -0.16 4.72 8.68
C PHE A 64 0.06 3.28 9.17
N ALA A 65 0.03 3.09 10.48
CA ALA A 65 0.16 1.75 11.05
C ALA A 65 -1.09 0.92 10.75
N ALA A 66 -2.26 1.56 10.82
CA ALA A 66 -3.50 0.89 10.47
C ALA A 66 -3.47 0.48 9.00
N GLU A 67 -2.85 1.31 8.16
CA GLU A 67 -2.69 1.00 6.75
C GLU A 67 -1.80 -0.23 6.55
N GLY A 68 -0.64 -0.24 7.20
CA GLY A 68 0.27 -1.37 7.12
C GLY A 68 -0.40 -2.65 7.61
N TYR A 69 -1.15 -2.52 8.70
CA TYR A 69 -1.95 -3.63 9.23
C TYR A 69 -2.89 -4.16 8.15
N ALA A 70 -3.56 -3.25 7.45
CA ALA A 70 -4.52 -3.63 6.42
C ALA A 70 -3.85 -4.22 5.17
N ARG A 71 -2.86 -3.51 4.64
CA ARG A 71 -2.20 -3.92 3.40
C ARG A 71 -1.54 -5.29 3.53
N SER A 72 -1.08 -5.62 4.74
CA SER A 72 -0.35 -6.85 4.97
C SER A 72 -1.24 -8.03 5.36
N SER A 73 -2.54 -7.79 5.54
CA SER A 73 -3.43 -8.81 6.05
C SER A 73 -4.70 -9.00 5.21
N GLY A 74 -5.15 -7.91 4.59
CA GLY A 74 -6.41 -7.94 3.87
C GLY A 74 -7.58 -7.68 4.79
N LYS A 75 -7.27 -7.33 6.04
CA LYS A 75 -8.28 -6.96 7.02
C LYS A 75 -8.37 -5.44 7.12
N PRO A 76 -9.51 -4.91 7.59
CA PRO A 76 -9.56 -3.47 7.80
C PRO A 76 -8.61 -3.01 8.91
N GLY A 77 -7.93 -1.89 8.70
CA GLY A 77 -7.11 -1.29 9.73
C GLY A 77 -7.92 -0.27 10.50
N ILE A 78 -7.74 -0.24 11.82
CA ILE A 78 -8.54 0.66 12.65
C ILE A 78 -7.68 1.62 13.46
N CYS A 79 -7.87 2.92 13.22
CA CYS A 79 -7.18 3.94 14.00
C CYS A 79 -8.19 4.82 14.71
N ILE A 80 -7.81 5.35 15.87
CA ILE A 80 -8.68 6.21 16.67
C ILE A 80 -7.93 7.45 17.13
N ALA A 81 -8.58 8.61 17.02
CA ALA A 81 -7.96 9.87 17.46
C ALA A 81 -8.98 10.75 18.16
N THR A 82 -8.50 11.73 18.91
CA THR A 82 -9.39 12.67 19.59
C THR A 82 -9.81 13.76 18.59
N SER A 83 -10.61 14.71 19.06
CA SER A 83 -11.07 15.79 18.20
C SER A 83 -9.92 16.72 17.82
N GLY A 84 -10.21 17.69 16.96
CA GLY A 84 -9.27 18.74 16.62
C GLY A 84 -7.94 18.27 16.06
N PRO A 85 -6.84 18.54 16.78
CA PRO A 85 -5.48 18.23 16.34
C PRO A 85 -5.24 16.74 16.18
N GLY A 86 -6.01 15.93 16.89
CA GLY A 86 -5.93 14.49 16.74
C GLY A 86 -6.48 14.09 15.38
N ALA A 87 -7.68 14.59 15.08
CA ALA A 87 -8.36 14.29 13.83
C ALA A 87 -7.56 14.79 12.62
N THR A 88 -7.05 16.00 12.68
CA THR A 88 -6.35 16.58 11.54
C THR A 88 -5.04 15.86 11.25
N ASN A 89 -4.49 15.20 12.27
CA ASN A 89 -3.26 14.41 12.10
C ASN A 89 -3.49 13.10 11.34
N LEU A 90 -4.76 12.73 11.13
CA LEU A 90 -5.09 11.51 10.41
C LEU A 90 -5.17 11.74 8.90
N VAL A 91 -5.28 13.00 8.50
CA VAL A 91 -5.67 13.38 7.14
C VAL A 91 -4.82 12.76 6.02
N SER A 92 -3.49 12.83 6.14
CA SER A 92 -2.60 12.24 5.14
C SER A 92 -2.85 10.76 4.95
N GLY A 93 -3.11 10.06 6.05
CA GLY A 93 -3.37 8.63 6.02
C GLY A 93 -4.68 8.27 5.36
N LEU A 94 -5.70 9.10 5.60
CA LEU A 94 -7.01 8.90 4.98
C LEU A 94 -6.90 9.04 3.46
N ALA A 95 -6.26 10.11 3.02
CA ALA A 95 -6.07 10.36 1.60
C ALA A 95 -5.24 9.24 0.97
N ASP A 96 -4.24 8.77 1.70
CA ASP A 96 -3.36 7.70 1.23
C ASP A 96 -4.15 6.40 1.00
N ALA A 97 -5.00 6.06 1.96
CA ALA A 97 -5.79 4.85 1.88
C ALA A 97 -6.85 4.91 0.77
N LEU A 98 -7.35 6.11 0.49
CA LEU A 98 -8.33 6.28 -0.58
C LEU A 98 -7.69 6.08 -1.95
N LEU A 99 -6.56 6.72 -2.16
CA LEU A 99 -5.88 6.64 -3.45
C LEU A 99 -5.36 5.23 -3.74
N ASP A 100 -4.97 4.49 -2.70
CA ASP A 100 -4.47 3.13 -2.88
C ASP A 100 -5.53 2.07 -2.61
N SER A 101 -6.76 2.51 -2.36
CA SER A 101 -7.90 1.62 -2.12
C SER A 101 -7.65 0.65 -0.96
N VAL A 102 -7.27 1.19 0.18
CA VAL A 102 -6.99 0.38 1.38
C VAL A 102 -8.15 0.44 2.37
N PRO A 103 -8.63 -0.72 2.82
CA PRO A 103 -9.74 -0.78 3.79
C PRO A 103 -9.33 -0.26 5.15
N LEU A 104 -10.00 0.78 5.61
CA LEU A 104 -9.60 1.42 6.84
C LEU A 104 -10.80 2.07 7.50
N VAL A 105 -10.92 1.89 8.81
CA VAL A 105 -11.94 2.58 9.58
C VAL A 105 -11.29 3.50 10.61
N ALA A 106 -11.51 4.80 10.45
CA ALA A 106 -10.98 5.79 11.38
C ALA A 106 -12.09 6.33 12.26
N ILE A 107 -11.85 6.31 13.57
CA ILE A 107 -12.81 6.85 14.53
C ILE A 107 -12.21 8.08 15.21
N THR A 108 -12.96 9.18 15.19
CA THR A 108 -12.51 10.41 15.83
C THR A 108 -13.50 10.88 16.89
N GLY A 109 -12.97 11.31 18.03
CA GLY A 109 -13.78 11.95 19.04
C GLY A 109 -14.18 13.32 18.53
N GLN A 110 -15.28 13.86 19.06
CA GLN A 110 -15.76 15.17 18.63
C GLN A 110 -16.31 15.91 19.85
N VAL A 111 -16.34 17.24 19.76
CA VAL A 111 -16.91 18.07 20.81
C VAL A 111 -18.40 17.72 20.97
N PRO A 112 -18.99 18.03 22.13
CA PRO A 112 -20.41 17.77 22.34
C PRO A 112 -21.29 18.34 21.23
N ARG A 113 -22.35 17.62 20.89
CA ARG A 113 -23.21 17.95 19.75
C ARG A 113 -23.64 19.41 19.69
N ARG A 114 -24.07 19.95 20.82
CA ARG A 114 -24.60 21.31 20.88
C ARG A 114 -23.54 22.37 20.55
N MET A 115 -22.27 21.99 20.61
CA MET A 115 -21.19 22.93 20.41
C MET A 115 -20.57 22.84 19.02
N ILE A 116 -21.07 21.91 18.21
CA ILE A 116 -20.57 21.75 16.86
C ILE A 116 -20.86 22.98 16.01
N GLY A 117 -19.82 23.56 15.44
CA GLY A 117 -19.95 24.74 14.60
C GLY A 117 -19.80 26.06 15.33
N THR A 118 -19.27 26.01 16.55
CA THR A 118 -19.12 27.21 17.37
C THR A 118 -17.67 27.58 17.66
N ASP A 119 -16.75 27.01 16.88
CA ASP A 119 -15.31 27.19 17.12
C ASP A 119 -14.94 26.80 18.55
N ALA A 120 -15.49 25.69 18.99
CA ALA A 120 -15.27 25.22 20.36
C ALA A 120 -13.85 24.71 20.56
N PHE A 121 -13.51 24.42 21.81
CA PHE A 121 -12.21 23.89 22.19
C PHE A 121 -11.89 22.62 21.42
N GLN A 122 -10.76 22.62 20.73
CA GLN A 122 -10.31 21.47 19.94
C GLN A 122 -11.38 20.95 18.97
N GLU A 123 -12.10 21.88 18.33
CA GLU A 123 -13.11 21.49 17.37
C GLU A 123 -12.60 21.63 15.94
N THR A 124 -12.79 20.57 15.16
CA THR A 124 -12.52 20.60 13.73
C THR A 124 -13.69 19.98 13.01
N PRO A 125 -14.20 20.66 11.97
CA PRO A 125 -15.26 20.06 11.15
C PRO A 125 -14.71 18.93 10.29
N ILE A 126 -14.36 17.81 10.93
CA ILE A 126 -13.56 16.77 10.30
C ILE A 126 -14.33 16.04 9.21
N VAL A 127 -15.66 15.98 9.33
CA VAL A 127 -16.50 15.36 8.30
C VAL A 127 -16.45 16.20 7.02
N GLU A 128 -16.49 17.52 7.17
CA GLU A 128 -16.34 18.45 6.05
C GLU A 128 -14.96 18.32 5.40
N VAL A 129 -13.94 18.36 6.24
CA VAL A 129 -12.54 18.31 5.80
C VAL A 129 -12.23 17.03 5.01
N THR A 130 -12.73 15.90 5.49
CA THR A 130 -12.33 14.61 4.94
C THR A 130 -13.32 13.99 3.96
N ARG A 131 -14.34 14.75 3.58
CA ARG A 131 -15.38 14.23 2.69
C ARG A 131 -14.81 13.83 1.32
N SER A 132 -13.90 14.64 0.79
CA SER A 132 -13.34 14.39 -0.52
C SER A 132 -12.13 13.45 -0.50
N ILE A 133 -11.71 13.03 0.69
CA ILE A 133 -10.58 12.13 0.82
C ILE A 133 -10.89 10.88 1.63
N THR A 134 -12.17 10.53 1.69
CA THR A 134 -12.60 9.24 2.24
C THR A 134 -13.60 8.59 1.29
N LYS A 135 -13.79 7.29 1.41
CA LYS A 135 -14.79 6.60 0.60
C LYS A 135 -16.16 7.04 1.08
N HIS A 136 -16.27 7.23 2.38
CA HIS A 136 -17.49 7.71 3.02
C HIS A 136 -17.14 8.13 4.45
N ASN A 137 -17.99 8.96 5.07
CA ASN A 137 -17.82 9.27 6.48
C ASN A 137 -19.14 9.58 7.17
N TYR A 138 -19.10 9.62 8.49
CA TYR A 138 -20.31 9.80 9.30
C TYR A 138 -20.10 10.78 10.45
N LEU A 139 -21.15 11.53 10.77
CA LEU A 139 -21.23 12.25 12.03
C LEU A 139 -22.35 11.65 12.86
N VAL A 140 -21.98 10.89 13.88
CA VAL A 140 -22.96 10.24 14.74
C VAL A 140 -23.69 11.28 15.59
N MET A 141 -25.02 11.30 15.48
CA MET A 141 -25.79 12.34 16.15
C MET A 141 -26.72 11.77 17.22
N ASP A 142 -26.71 10.45 17.37
CA ASP A 142 -27.45 9.80 18.43
C ASP A 142 -26.80 8.48 18.82
N VAL A 143 -26.79 8.17 20.11
CA VAL A 143 -26.14 6.98 20.63
C VAL A 143 -26.73 5.71 19.99
N GLU A 144 -27.99 5.77 19.60
CA GLU A 144 -28.68 4.60 19.08
C GLU A 144 -28.28 4.26 17.64
N ASP A 145 -27.56 5.18 16.99
CA ASP A 145 -27.13 4.97 15.61
C ASP A 145 -25.76 4.30 15.54
N ILE A 146 -25.09 4.17 16.69
CA ILE A 146 -23.74 3.63 16.73
C ILE A 146 -23.62 2.21 16.15
N PRO A 147 -24.49 1.26 16.57
CA PRO A 147 -24.32 -0.08 16.00
C PRO A 147 -24.46 -0.12 14.47
N ARG A 148 -25.44 0.58 13.93
CA ARG A 148 -25.67 0.58 12.48
C ARG A 148 -24.52 1.24 11.73
N ILE A 149 -24.09 2.40 12.21
CA ILE A 149 -23.05 3.17 11.53
C ILE A 149 -21.71 2.42 11.52
N ILE A 150 -21.38 1.79 12.64
CA ILE A 150 -20.16 0.98 12.71
C ILE A 150 -20.22 -0.19 11.72
N GLU A 151 -21.37 -0.85 11.64
CA GLU A 151 -21.55 -1.94 10.69
C GLU A 151 -21.42 -1.46 9.25
N GLU A 152 -22.06 -0.34 8.94
CA GLU A 152 -21.98 0.24 7.60
C GLU A 152 -20.56 0.68 7.26
N ALA A 153 -19.86 1.23 8.25
CA ALA A 153 -18.49 1.71 8.04
C ALA A 153 -17.56 0.57 7.65
N PHE A 154 -17.66 -0.55 8.35
CA PHE A 154 -16.83 -1.71 8.04
C PHE A 154 -17.24 -2.34 6.72
N PHE A 155 -18.54 -2.38 6.45
CA PHE A 155 -19.04 -2.91 5.19
C PHE A 155 -18.52 -2.08 4.03
N LEU A 156 -18.67 -0.76 4.11
CA LEU A 156 -18.24 0.13 3.03
C LEU A 156 -16.72 0.10 2.85
N ALA A 157 -15.99 0.02 3.95
CA ALA A 157 -14.53 0.04 3.88
C ALA A 157 -13.97 -1.22 3.23
N THR A 158 -14.64 -2.35 3.41
CA THR A 158 -14.10 -3.63 2.96
C THR A 158 -14.74 -4.17 1.68
N SER A 159 -15.96 -3.75 1.38
CA SER A 159 -16.66 -4.24 0.19
C SER A 159 -16.28 -3.45 -1.05
N GLY A 160 -16.63 -3.99 -2.21
CA GLY A 160 -16.37 -3.36 -3.49
C GLY A 160 -14.92 -2.97 -3.66
N ARG A 161 -14.69 -1.72 -4.05
CA ARG A 161 -13.36 -1.15 -4.02
C ARG A 161 -13.09 -0.62 -2.62
N PRO A 162 -12.17 -1.29 -1.89
CA PRO A 162 -11.91 -0.94 -0.49
C PRO A 162 -11.43 0.50 -0.32
N GLY A 163 -11.69 1.08 0.84
CA GLY A 163 -11.28 2.44 1.11
C GLY A 163 -11.51 2.83 2.56
N PRO A 164 -11.04 4.03 2.94
CA PRO A 164 -11.19 4.53 4.31
C PRO A 164 -12.58 5.09 4.59
N VAL A 165 -13.12 4.75 5.76
CA VAL A 165 -14.36 5.35 6.24
C VAL A 165 -14.11 5.98 7.62
N LEU A 166 -14.50 7.25 7.78
CA LEU A 166 -14.30 7.94 9.05
C LEU A 166 -15.62 8.08 9.81
N VAL A 167 -15.58 7.81 11.11
CA VAL A 167 -16.76 7.96 11.96
C VAL A 167 -16.49 8.96 13.08
N ASP A 168 -17.21 10.07 13.07
CA ASP A 168 -17.02 11.15 14.04
C ASP A 168 -18.02 11.02 15.20
N VAL A 169 -17.51 10.92 16.42
CA VAL A 169 -18.36 10.62 17.59
C VAL A 169 -18.27 11.67 18.69
N PRO A 170 -19.29 12.54 18.80
CA PRO A 170 -19.39 13.56 19.84
C PRO A 170 -19.25 12.98 21.25
N LYS A 171 -18.59 13.72 22.14
CA LYS A 171 -18.28 13.23 23.48
CA LYS A 171 -18.28 13.23 23.48
C LYS A 171 -19.53 12.89 24.27
N ASP A 172 -20.58 13.71 24.15
CA ASP A 172 -21.81 13.48 24.90
C ASP A 172 -22.51 12.19 24.45
N ILE A 173 -22.28 11.80 23.19
CA ILE A 173 -22.80 10.54 22.68
C ILE A 173 -22.08 9.36 23.33
N GLN A 174 -20.77 9.52 23.54
CA GLN A 174 -19.97 8.49 24.19
C GLN A 174 -20.39 8.28 25.64
N GLN A 175 -20.93 9.34 26.26
CA GLN A 175 -21.28 9.32 27.67
C GLN A 175 -22.72 8.90 27.90
N GLN A 176 -23.52 8.96 26.85
CA GLN A 176 -24.95 8.67 26.96
C GLN A 176 -25.19 7.18 27.21
N LEU A 177 -26.14 6.88 28.10
CA LEU A 177 -26.49 5.50 28.41
C LEU A 177 -27.59 5.01 27.49
N ALA A 178 -27.45 3.78 27.00
CA ALA A 178 -28.46 3.20 26.13
C ALA A 178 -28.35 1.68 26.07
N ILE A 179 -29.37 1.06 25.51
CA ILE A 179 -29.35 -0.37 25.23
C ILE A 179 -29.30 -0.59 23.72
N PRO A 180 -28.17 -1.09 23.23
CA PRO A 180 -27.91 -1.19 21.79
C PRO A 180 -28.75 -2.26 21.10
N ASN A 181 -29.16 -1.98 19.86
CA ASN A 181 -29.80 -2.97 19.02
C ASN A 181 -28.82 -3.41 17.93
N TRP A 182 -28.45 -4.69 17.96
CA TRP A 182 -27.42 -5.20 17.05
C TRP A 182 -28.00 -5.82 15.78
N GLU A 183 -29.33 -5.85 15.69
CA GLU A 183 -29.99 -6.50 14.56
C GLU A 183 -30.75 -5.49 13.70
N GLN A 184 -30.14 -4.33 13.48
CA GLN A 184 -30.74 -3.30 12.65
C GLN A 184 -30.18 -3.35 11.23
N ALA A 185 -31.02 -3.04 10.26
CA ALA A 185 -30.61 -3.13 8.86
C ALA A 185 -29.79 -1.91 8.43
N MET A 186 -28.78 -2.16 7.61
CA MET A 186 -27.98 -1.07 7.05
C MET A 186 -28.80 -0.23 6.10
N ARG A 187 -28.52 1.06 6.05
CA ARG A 187 -29.21 1.97 5.13
C ARG A 187 -28.32 2.37 3.97
N LEU A 188 -28.04 1.42 3.07
CA LEU A 188 -27.22 1.72 1.90
C LEU A 188 -27.85 1.20 0.60
N PRO A 189 -29.11 1.58 0.32
CA PRO A 189 -29.80 0.97 -0.82
C PRO A 189 -29.14 1.27 -2.17
N GLY A 190 -28.60 2.47 -2.31
CA GLY A 190 -27.95 2.87 -3.54
C GLY A 190 -26.67 2.10 -3.78
N TYR A 191 -25.81 2.06 -2.77
CA TYR A 191 -24.54 1.36 -2.86
C TYR A 191 -24.74 -0.14 -3.14
N MET A 192 -25.67 -0.76 -2.42
CA MET A 192 -25.91 -2.18 -2.58
CA MET A 192 -25.96 -2.19 -2.57
C MET A 192 -26.44 -2.52 -3.97
N SER A 193 -27.25 -1.62 -4.53
CA SER A 193 -27.82 -1.85 -5.86
C SER A 193 -26.75 -1.79 -6.96
N ARG A 194 -25.63 -1.13 -6.68
CA ARG A 194 -24.57 -0.96 -7.67
C ARG A 194 -23.44 -1.98 -7.52
N MET A 195 -23.56 -2.84 -6.50
CA MET A 195 -22.55 -3.88 -6.31
C MET A 195 -22.56 -4.84 -7.48
N PRO A 196 -21.40 -5.03 -8.13
CA PRO A 196 -21.31 -5.85 -9.34
C PRO A 196 -21.78 -7.28 -9.12
N LYS A 197 -22.52 -7.80 -10.09
CA LYS A 197 -22.95 -9.19 -10.08
C LYS A 197 -21.76 -10.06 -10.50
N PRO A 198 -21.80 -11.36 -10.17
CA PRO A 198 -20.74 -12.26 -10.64
C PRO A 198 -20.61 -12.25 -12.17
N PRO A 199 -19.38 -12.27 -12.68
CA PRO A 199 -19.09 -12.13 -14.12
C PRO A 199 -19.88 -13.11 -14.99
N GLU A 200 -20.51 -12.59 -16.03
CA GLU A 200 -21.31 -13.39 -16.93
C GLU A 200 -20.45 -14.18 -17.91
N ASP A 201 -20.91 -15.36 -18.28
CA ASP A 201 -20.17 -16.24 -19.18
C ASP A 201 -19.89 -15.58 -20.52
N SER A 202 -20.86 -14.85 -21.04
CA SER A 202 -20.75 -14.19 -22.34
C SER A 202 -19.53 -13.29 -22.43
N HIS A 203 -19.22 -12.58 -21.35
CA HIS A 203 -18.08 -11.68 -21.32
C HIS A 203 -16.77 -12.44 -21.18
N LEU A 204 -16.77 -13.48 -20.36
CA LEU A 204 -15.58 -14.28 -20.15
C LEU A 204 -15.18 -15.04 -21.41
N GLU A 205 -16.17 -15.53 -22.16
CA GLU A 205 -15.91 -16.24 -23.40
C GLU A 205 -15.41 -15.28 -24.47
N GLN A 206 -15.83 -14.03 -24.37
CA GLN A 206 -15.35 -12.98 -25.27
C GLN A 206 -13.85 -12.78 -25.08
N ILE A 207 -13.40 -12.87 -23.83
CA ILE A 207 -12.00 -12.70 -23.50
C ILE A 207 -11.16 -13.88 -24.01
N VAL A 208 -11.63 -15.09 -23.73
CA VAL A 208 -10.96 -16.30 -24.18
C VAL A 208 -10.83 -16.34 -25.70
N ARG A 209 -11.85 -15.81 -26.38
CA ARG A 209 -11.82 -15.69 -27.83
C ARG A 209 -10.68 -14.79 -28.31
N LEU A 210 -10.50 -13.65 -27.64
CA LEU A 210 -9.44 -12.71 -27.98
C LEU A 210 -8.06 -13.30 -27.73
N ILE A 211 -7.95 -14.10 -26.68
CA ILE A 211 -6.68 -14.73 -26.33
C ILE A 211 -6.26 -15.72 -27.41
N SER A 212 -7.22 -16.48 -27.92
CA SER A 212 -6.93 -17.49 -28.95
C SER A 212 -6.63 -16.86 -30.30
N GLU A 213 -6.97 -15.58 -30.47
CA GLU A 213 -6.75 -14.89 -31.72
C GLU A 213 -5.55 -13.96 -31.66
N SER A 214 -4.92 -13.86 -30.48
CA SER A 214 -3.78 -12.98 -30.30
C SER A 214 -2.46 -13.73 -30.50
N LYS A 215 -1.40 -12.97 -30.74
CA LYS A 215 -0.07 -13.56 -30.89
C LYS A 215 0.92 -12.90 -29.93
N LYS A 216 0.55 -11.74 -29.40
CA LYS A 216 1.42 -11.02 -28.46
C LYS A 216 0.63 -10.52 -27.23
N PRO A 217 0.11 -11.45 -26.41
CA PRO A 217 -0.68 -11.02 -25.25
C PRO A 217 0.18 -10.67 -24.04
N VAL A 218 -0.25 -9.66 -23.28
CA VAL A 218 0.45 -9.27 -22.07
C VAL A 218 -0.53 -9.05 -20.92
N LEU A 219 -0.22 -9.64 -19.77
CA LEU A 219 -1.00 -9.38 -18.57
C LEU A 219 -0.53 -8.09 -17.90
N TYR A 220 -1.50 -7.26 -17.51
CA TYR A 220 -1.26 -5.97 -16.89
C TYR A 220 -2.01 -5.96 -15.57
N VAL A 221 -1.32 -6.37 -14.51
CA VAL A 221 -1.97 -6.62 -13.22
C VAL A 221 -1.58 -5.61 -12.14
N GLY A 222 -2.53 -5.33 -11.26
CA GLY A 222 -2.33 -4.32 -10.23
C GLY A 222 -2.89 -4.68 -8.87
N GLY A 223 -3.16 -3.65 -8.07
CA GLY A 223 -3.62 -3.85 -6.70
C GLY A 223 -4.91 -4.65 -6.58
N GLY A 224 -5.72 -4.64 -7.64
CA GLY A 224 -6.96 -5.38 -7.64
C GLY A 224 -6.80 -6.89 -7.65
N CYS A 225 -5.56 -7.36 -7.88
CA CYS A 225 -5.30 -8.80 -7.93
C CYS A 225 -4.70 -9.37 -6.65
N LEU A 226 -4.58 -8.55 -5.61
CA LEU A 226 -3.87 -8.96 -4.40
C LEU A 226 -4.53 -10.15 -3.69
N ASN A 227 -5.80 -10.39 -3.96
CA ASN A 227 -6.49 -11.53 -3.37
C ASN A 227 -6.75 -12.63 -4.40
N SER A 228 -6.01 -12.60 -5.51
CA SER A 228 -6.26 -13.51 -6.62
C SER A 228 -5.01 -14.26 -7.08
N SER A 229 -4.08 -14.51 -6.16
CA SER A 229 -2.81 -15.14 -6.51
C SER A 229 -2.95 -16.52 -7.12
N ASP A 230 -3.76 -17.37 -6.49
CA ASP A 230 -3.93 -18.73 -6.96
C ASP A 230 -4.59 -18.74 -8.33
N GLU A 231 -5.65 -17.95 -8.49
CA GLU A 231 -6.40 -17.87 -9.74
C GLU A 231 -5.55 -17.33 -10.87
N LEU A 232 -4.84 -16.24 -10.60
CA LEU A 232 -3.96 -15.64 -11.60
C LEU A 232 -2.84 -16.59 -11.99
N GLY A 233 -2.28 -17.27 -11.00
CA GLY A 233 -1.23 -18.25 -11.23
C GLY A 233 -1.73 -19.38 -12.11
N ARG A 234 -2.92 -19.87 -11.83
CA ARG A 234 -3.56 -20.90 -12.63
C ARG A 234 -3.82 -20.41 -14.05
N PHE A 235 -4.25 -19.16 -14.16
CA PHE A 235 -4.54 -18.54 -15.45
C PHE A 235 -3.29 -18.51 -16.33
N VAL A 236 -2.16 -18.15 -15.73
CA VAL A 236 -0.90 -18.06 -16.46
C VAL A 236 -0.43 -19.44 -16.94
N GLU A 237 -0.65 -20.47 -16.13
CA GLU A 237 -0.32 -21.84 -16.54
C GLU A 237 -1.11 -22.27 -17.77
N LEU A 238 -2.37 -21.87 -17.80
CA LEU A 238 -3.28 -22.30 -18.86
C LEU A 238 -3.11 -21.52 -20.16
N THR A 239 -2.45 -20.36 -20.08
CA THR A 239 -2.33 -19.50 -21.24
C THR A 239 -0.88 -19.26 -21.67
N GLY A 240 0.02 -19.19 -20.70
CA GLY A 240 1.42 -18.92 -20.99
C GLY A 240 1.66 -17.45 -21.30
N ILE A 241 0.73 -16.60 -20.85
CA ILE A 241 0.83 -15.17 -21.07
C ILE A 241 1.74 -14.51 -20.04
N PRO A 242 2.75 -13.74 -20.51
CA PRO A 242 3.70 -13.07 -19.62
C PRO A 242 3.02 -11.98 -18.77
N VAL A 243 3.56 -11.73 -17.58
CA VAL A 243 2.90 -10.85 -16.62
C VAL A 243 3.68 -9.57 -16.32
N ALA A 244 3.05 -8.43 -16.59
CA ALA A 244 3.58 -7.12 -16.20
C ALA A 244 2.75 -6.56 -15.04
N SER A 245 3.43 -6.11 -14.00
CA SER A 245 2.74 -5.68 -12.78
C SER A 245 2.95 -4.20 -12.48
N THR A 246 1.95 -3.56 -11.88
CA THR A 246 2.11 -2.20 -11.38
C THR A 246 2.85 -2.20 -10.05
N LEU A 247 3.16 -1.01 -9.54
CA LEU A 247 3.79 -0.87 -8.23
C LEU A 247 2.89 -1.48 -7.15
N MET A 248 1.58 -1.31 -7.31
CA MET A 248 0.61 -1.80 -6.33
C MET A 248 0.35 -3.30 -6.46
N GLY A 249 0.68 -3.87 -7.61
CA GLY A 249 0.37 -5.26 -7.87
C GLY A 249 1.50 -6.24 -7.63
N LEU A 250 2.67 -5.73 -7.25
CA LEU A 250 3.86 -6.57 -7.06
C LEU A 250 3.61 -7.74 -6.13
N GLY A 251 3.87 -8.95 -6.63
CA GLY A 251 3.75 -10.15 -5.82
C GLY A 251 2.49 -10.95 -6.11
N SER A 252 1.54 -10.33 -6.80
CA SER A 252 0.33 -11.02 -7.25
C SER A 252 0.73 -12.23 -8.09
N TYR A 253 1.72 -12.01 -8.95
CA TYR A 253 2.39 -13.10 -9.66
C TYR A 253 3.84 -13.10 -9.19
N PRO A 254 4.39 -14.29 -8.91
CA PRO A 254 5.76 -14.42 -8.39
C PRO A 254 6.81 -13.71 -9.26
N CYS A 255 7.51 -12.76 -8.67
CA CYS A 255 8.47 -11.93 -9.39
C CYS A 255 9.70 -12.71 -9.86
N ASP A 256 9.95 -13.86 -9.24
CA ASP A 256 11.10 -14.69 -9.60
C ASP A 256 10.75 -15.69 -10.71
N ASP A 257 9.50 -15.70 -11.13
CA ASP A 257 9.05 -16.62 -12.16
C ASP A 257 9.51 -16.18 -13.56
N GLU A 258 9.67 -17.15 -14.45
CA GLU A 258 10.17 -16.89 -15.80
C GLU A 258 9.22 -16.05 -16.64
N LEU A 259 7.92 -16.19 -16.37
CA LEU A 259 6.90 -15.48 -17.12
C LEU A 259 6.67 -14.06 -16.60
N SER A 260 7.39 -13.70 -15.54
CA SER A 260 7.25 -12.38 -14.94
C SER A 260 8.10 -11.33 -15.67
N LEU A 261 7.46 -10.24 -16.08
CA LEU A 261 8.15 -9.12 -16.70
C LEU A 261 8.47 -8.05 -15.66
N HIS A 262 8.18 -8.38 -14.40
CA HIS A 262 8.29 -7.45 -13.28
C HIS A 262 7.44 -6.20 -13.51
N MET A 263 7.90 -5.05 -13.01
CA MET A 263 7.10 -3.83 -13.05
C MET A 263 7.20 -3.07 -14.36
N LEU A 264 6.08 -2.53 -14.83
CA LEU A 264 6.05 -1.62 -15.96
C LEU A 264 5.87 -0.18 -15.47
N GLY A 265 6.00 0.79 -16.37
CA GLY A 265 5.76 2.18 -16.01
C GLY A 265 6.98 3.09 -16.09
N MET A 266 6.88 4.24 -15.44
CA MET A 266 7.93 5.25 -15.46
C MET A 266 9.29 4.69 -15.09
N HIS A 267 9.35 3.91 -14.01
CA HIS A 267 10.60 3.26 -13.63
C HIS A 267 10.50 1.74 -13.77
N GLY A 268 9.62 1.30 -14.66
CA GLY A 268 9.48 -0.13 -14.95
C GLY A 268 10.63 -0.64 -15.80
N THR A 269 10.73 -1.97 -15.91
CA THR A 269 11.77 -2.59 -16.72
C THR A 269 11.54 -2.32 -18.21
N VAL A 270 12.63 -2.30 -18.97
CA VAL A 270 12.54 -2.09 -20.41
C VAL A 270 11.69 -3.17 -21.07
N TYR A 271 11.85 -4.41 -20.64
CA TYR A 271 11.14 -5.52 -21.28
C TYR A 271 9.65 -5.54 -20.94
N ALA A 272 9.29 -5.07 -19.75
CA ALA A 272 7.87 -4.95 -19.40
C ALA A 272 7.20 -3.90 -20.25
N ASN A 273 7.82 -2.72 -20.34
CA ASN A 273 7.29 -1.63 -21.14
C ASN A 273 7.30 -1.97 -22.63
N TYR A 274 8.31 -2.73 -23.06
CA TYR A 274 8.40 -3.20 -24.44
C TYR A 274 7.20 -4.09 -24.77
N ALA A 275 6.92 -5.04 -23.89
CA ALA A 275 5.81 -5.97 -24.07
C ALA A 275 4.50 -5.24 -24.30
N VAL A 276 4.20 -4.26 -23.46
CA VAL A 276 2.95 -3.51 -23.58
C VAL A 276 2.94 -2.70 -24.88
N GLU A 277 4.09 -2.12 -25.21
CA GLU A 277 4.22 -1.30 -26.41
C GLU A 277 3.92 -2.07 -27.70
N HIS A 278 4.30 -3.34 -27.75
CA HIS A 278 4.16 -4.12 -28.98
C HIS A 278 3.08 -5.21 -28.88
N SER A 279 2.34 -5.21 -27.78
CA SER A 279 1.28 -6.20 -27.58
C SER A 279 0.12 -6.01 -28.55
N ASP A 280 -0.61 -7.08 -28.82
CA ASP A 280 -1.83 -6.98 -29.61
C ASP A 280 -3.03 -7.32 -28.74
N LEU A 281 -2.75 -7.78 -27.51
CA LEU A 281 -3.79 -8.02 -26.51
C LEU A 281 -3.30 -7.62 -25.13
N LEU A 282 -3.99 -6.66 -24.51
CA LEU A 282 -3.63 -6.20 -23.17
C LEU A 282 -4.70 -6.62 -22.16
N LEU A 283 -4.33 -7.51 -21.26
CA LEU A 283 -5.25 -7.99 -20.24
C LEU A 283 -5.08 -7.22 -18.95
N ALA A 284 -5.85 -6.14 -18.81
CA ALA A 284 -5.72 -5.23 -17.68
C ALA A 284 -6.59 -5.67 -16.50
N PHE A 285 -5.96 -6.34 -15.54
CA PHE A 285 -6.69 -6.90 -14.40
C PHE A 285 -6.37 -6.15 -13.11
N GLY A 286 -7.38 -5.48 -12.53
CA GLY A 286 -7.20 -4.78 -11.27
C GLY A 286 -6.24 -3.61 -11.34
N VAL A 287 -6.35 -2.82 -12.41
CA VAL A 287 -5.51 -1.65 -12.62
C VAL A 287 -6.37 -0.44 -12.96
N ARG A 288 -5.80 0.76 -12.83
CA ARG A 288 -6.58 1.98 -13.09
C ARG A 288 -5.92 2.91 -14.10
N PHE A 289 -5.02 2.38 -14.92
CA PHE A 289 -4.44 3.11 -16.05
C PHE A 289 -3.91 4.50 -15.67
N ASP A 290 -3.10 4.55 -14.62
CA ASP A 290 -2.53 5.82 -14.15
C ASP A 290 -1.34 6.22 -15.03
N ASP A 291 -1.06 7.52 -15.11
N ASP A 291 -1.10 7.53 -15.10
CA ASP A 291 -0.06 8.01 -16.06
CA ASP A 291 -0.07 8.12 -15.97
C ASP A 291 1.38 7.68 -15.64
C ASP A 291 1.34 7.61 -15.65
N ARG A 292 1.57 7.24 -14.39
CA ARG A 292 2.88 6.73 -13.97
C ARG A 292 3.20 5.44 -14.72
N VAL A 293 2.14 4.71 -15.09
CA VAL A 293 2.28 3.49 -15.87
C VAL A 293 2.20 3.78 -17.37
N THR A 294 1.18 4.53 -17.78
CA THR A 294 0.85 4.65 -19.19
C THR A 294 1.70 5.68 -19.95
N GLY A 295 2.16 6.71 -19.24
CA GLY A 295 2.77 7.84 -19.90
C GLY A 295 1.74 8.50 -20.80
N LYS A 296 2.15 8.90 -22.00
CA LYS A 296 1.21 9.46 -22.97
C LYS A 296 0.23 8.38 -23.44
N LEU A 297 -1.04 8.56 -23.08
CA LEU A 297 -2.08 7.55 -23.28
C LEU A 297 -2.21 7.06 -24.73
N GLU A 298 -2.17 7.99 -25.68
CA GLU A 298 -2.35 7.65 -27.10
C GLU A 298 -1.28 6.69 -27.60
N ALA A 299 -0.14 6.67 -26.93
CA ALA A 299 0.98 5.83 -27.33
C ALA A 299 1.04 4.53 -26.54
N PHE A 300 0.29 4.50 -25.44
CA PHE A 300 0.29 3.34 -24.54
C PHE A 300 -0.52 2.19 -25.14
N ALA A 301 0.13 1.04 -25.34
CA ALA A 301 -0.51 -0.13 -25.92
C ALA A 301 -1.30 0.21 -27.18
N SER A 302 -0.70 1.06 -28.02
CA SER A 302 -1.39 1.68 -29.15
C SER A 302 -1.86 0.69 -30.21
N ARG A 303 -1.33 -0.53 -30.19
CA ARG A 303 -1.66 -1.52 -31.19
C ARG A 303 -2.35 -2.75 -30.58
N ALA A 304 -2.88 -2.59 -29.38
CA ALA A 304 -3.44 -3.72 -28.65
C ALA A 304 -4.96 -3.62 -28.50
N LYS A 305 -5.62 -4.77 -28.51
CA LYS A 305 -7.00 -4.86 -28.05
C LYS A 305 -6.96 -4.93 -26.53
N ILE A 306 -7.75 -4.08 -25.89
CA ILE A 306 -7.66 -3.94 -24.44
C ILE A 306 -8.83 -4.60 -23.71
N VAL A 307 -8.48 -5.46 -22.77
CA VAL A 307 -9.46 -6.06 -21.88
C VAL A 307 -9.29 -5.48 -20.47
N HIS A 308 -10.36 -4.92 -19.93
CA HIS A 308 -10.29 -4.28 -18.62
C HIS A 308 -11.28 -4.92 -17.66
N ILE A 309 -10.76 -5.50 -16.57
CA ILE A 309 -11.62 -6.05 -15.52
C ILE A 309 -11.42 -5.26 -14.23
N ASP A 310 -12.45 -4.54 -13.83
CA ASP A 310 -12.38 -3.72 -12.62
C ASP A 310 -13.69 -3.80 -11.85
N ILE A 311 -13.59 -3.72 -10.53
CA ILE A 311 -14.78 -3.80 -9.68
C ILE A 311 -15.44 -2.43 -9.55
N ASP A 312 -14.73 -1.39 -10.00
CA ASP A 312 -15.26 -0.03 -10.00
C ASP A 312 -15.61 0.39 -11.43
N SER A 313 -16.90 0.51 -11.72
CA SER A 313 -17.36 0.86 -13.07
C SER A 313 -16.85 2.23 -13.53
N ALA A 314 -16.57 3.12 -12.56
CA ALA A 314 -16.09 4.45 -12.88
C ALA A 314 -14.67 4.42 -13.46
N GLU A 315 -13.96 3.32 -13.24
CA GLU A 315 -12.61 3.16 -13.75
C GLU A 315 -12.59 2.64 -15.19
N ILE A 316 -13.66 1.96 -15.59
CA ILE A 316 -13.70 1.33 -16.90
C ILE A 316 -14.12 2.31 -17.99
N GLY A 317 -13.15 2.68 -18.84
CA GLY A 317 -13.39 3.63 -19.91
C GLY A 317 -13.01 5.04 -19.52
N LYS A 318 -12.34 5.19 -18.39
CA LYS A 318 -11.97 6.50 -17.86
C LYS A 318 -10.85 7.14 -18.69
N ASN A 319 -9.68 6.50 -18.69
CA ASN A 319 -8.52 7.01 -19.40
C ASN A 319 -8.32 6.33 -20.75
N LYS A 320 -8.78 5.09 -20.86
CA LYS A 320 -8.68 4.34 -22.11
C LYS A 320 -9.91 3.47 -22.32
N THR A 321 -10.40 3.43 -23.55
CA THR A 321 -11.60 2.66 -23.87
C THR A 321 -11.25 1.23 -24.26
N PRO A 322 -11.68 0.26 -23.43
CA PRO A 322 -11.40 -1.15 -23.68
C PRO A 322 -12.27 -1.73 -24.80
N HIS A 323 -11.77 -2.76 -25.47
CA HIS A 323 -12.55 -3.47 -26.48
C HIS A 323 -13.47 -4.46 -25.80
N VAL A 324 -13.01 -5.01 -24.68
CA VAL A 324 -13.80 -5.92 -23.86
C VAL A 324 -13.63 -5.53 -22.40
N SER A 325 -14.70 -5.60 -21.63
CA SER A 325 -14.61 -5.26 -20.21
C SER A 325 -15.50 -6.16 -19.36
N VAL A 326 -15.11 -6.30 -18.10
CA VAL A 326 -15.93 -6.96 -17.08
C VAL A 326 -15.94 -6.10 -15.82
N CYS A 327 -17.12 -5.65 -15.43
CA CYS A 327 -17.25 -4.94 -14.16
C CYS A 327 -17.59 -5.95 -13.06
N GLY A 328 -16.57 -6.36 -12.31
CA GLY A 328 -16.76 -7.34 -11.25
C GLY A 328 -15.47 -7.76 -10.61
N ASP A 329 -15.56 -8.72 -9.69
CA ASP A 329 -14.40 -9.22 -8.97
C ASP A 329 -13.50 -10.03 -9.89
N VAL A 330 -12.25 -9.59 -10.03
CA VAL A 330 -11.31 -10.23 -10.94
C VAL A 330 -11.02 -11.67 -10.47
N LYS A 331 -11.19 -11.91 -9.18
CA LYS A 331 -11.03 -13.24 -8.61
C LYS A 331 -12.04 -14.21 -9.23
N LEU A 332 -13.28 -13.76 -9.35
CA LEU A 332 -14.34 -14.57 -9.94
C LEU A 332 -14.17 -14.71 -11.45
N ALA A 333 -13.73 -13.63 -12.09
CA ALA A 333 -13.51 -13.64 -13.53
C ALA A 333 -12.41 -14.63 -13.90
N LEU A 334 -11.36 -14.67 -13.09
CA LEU A 334 -10.26 -15.60 -13.31
C LEU A 334 -10.73 -17.05 -13.17
N GLN A 335 -11.50 -17.31 -12.12
CA GLN A 335 -12.04 -18.64 -11.87
C GLN A 335 -12.90 -19.13 -13.05
N GLY A 336 -13.71 -18.22 -13.58
CA GLY A 336 -14.58 -18.55 -14.70
C GLY A 336 -13.79 -18.87 -15.95
N MET A 337 -12.79 -18.04 -16.25
CA MET A 337 -11.97 -18.23 -17.43
C MET A 337 -11.10 -19.49 -17.33
N ASN A 338 -10.62 -19.77 -16.12
CA ASN A 338 -9.77 -20.94 -15.91
C ASN A 338 -10.47 -22.24 -16.25
N LYS A 339 -11.76 -22.31 -15.94
CA LYS A 339 -12.55 -23.50 -16.24
C LYS A 339 -12.73 -23.68 -17.75
N VAL A 340 -13.00 -22.58 -18.44
CA VAL A 340 -13.14 -22.61 -19.89
C VAL A 340 -11.82 -22.99 -20.56
N LEU A 341 -10.74 -22.34 -20.14
CA LEU A 341 -9.41 -22.60 -20.69
C LEU A 341 -8.97 -24.05 -20.48
N GLU A 342 -9.44 -24.65 -19.39
CA GLU A 342 -9.07 -26.03 -19.07
C GLU A 342 -9.87 -27.03 -19.91
N ASN A 343 -11.16 -26.75 -20.07
CA ASN A 343 -12.03 -27.64 -20.83
C ASN A 343 -11.76 -27.60 -22.33
N ARG A 344 -11.31 -26.45 -22.81
CA ARG A 344 -11.07 -26.28 -24.24
C ARG A 344 -9.57 -26.25 -24.54
N ALA A 345 -8.77 -26.70 -23.57
CA ALA A 345 -7.31 -26.64 -23.69
C ALA A 345 -6.80 -27.33 -24.96
N GLU A 346 -7.27 -28.54 -25.21
CA GLU A 346 -6.80 -29.30 -26.37
C GLU A 346 -7.42 -28.79 -27.66
N GLU A 347 -8.42 -27.92 -27.53
CA GLU A 347 -9.05 -27.30 -28.68
C GLU A 347 -8.37 -25.97 -29.03
N LEU A 348 -8.01 -25.19 -28.01
CA LEU A 348 -7.39 -23.89 -28.20
C LEU A 348 -5.93 -23.99 -28.63
N LYS A 349 -5.19 -24.89 -27.98
CA LYS A 349 -3.76 -25.11 -28.25
C LYS A 349 -2.96 -23.81 -28.15
N LEU A 350 -3.07 -23.13 -27.01
CA LEU A 350 -2.41 -21.85 -26.81
C LEU A 350 -0.89 -22.00 -26.75
N ASP A 351 -0.20 -21.19 -27.53
CA ASP A 351 1.26 -21.22 -27.59
C ASP A 351 1.81 -19.87 -28.03
N PHE A 352 2.27 -19.08 -27.06
CA PHE A 352 2.89 -17.79 -27.38
C PHE A 352 4.40 -17.84 -27.17
N GLY A 353 4.98 -19.00 -27.48
CA GLY A 353 6.41 -19.21 -27.29
C GLY A 353 7.29 -18.28 -28.11
N VAL A 354 6.79 -17.89 -29.28
CA VAL A 354 7.52 -16.96 -30.14
C VAL A 354 7.54 -15.56 -29.54
N TRP A 355 6.40 -15.13 -29.03
CA TRP A 355 6.28 -13.83 -28.36
C TRP A 355 7.15 -13.80 -27.11
N ARG A 356 7.07 -14.86 -26.31
CA ARG A 356 7.83 -14.95 -25.07
C ARG A 356 9.33 -14.91 -25.35
N ASN A 357 9.76 -15.57 -26.42
CA ASN A 357 11.16 -15.55 -26.80
C ASN A 357 11.61 -14.14 -27.21
N GLU A 358 10.72 -13.42 -27.89
CA GLU A 358 10.98 -12.04 -28.28
C GLU A 358 11.20 -11.16 -27.05
N LEU A 359 10.46 -11.46 -25.98
CA LEU A 359 10.57 -10.70 -24.74
C LEU A 359 11.82 -11.10 -23.96
N ASN A 360 12.20 -12.37 -24.05
CA ASN A 360 13.40 -12.86 -23.37
C ASN A 360 14.66 -12.23 -23.95
N VAL A 361 14.62 -11.95 -25.25
CA VAL A 361 15.70 -11.24 -25.90
C VAL A 361 15.84 -9.85 -25.29
N GLN A 362 14.70 -9.22 -25.01
CA GLN A 362 14.68 -7.90 -24.37
C GLN A 362 15.20 -7.97 -22.94
N LYS A 363 14.89 -9.06 -22.24
CA LYS A 363 15.41 -9.28 -20.89
C LYS A 363 16.92 -9.37 -20.90
N GLN A 364 17.46 -10.00 -21.93
CA GLN A 364 18.90 -10.21 -22.06
C GLN A 364 19.63 -8.93 -22.48
N LYS A 365 19.02 -8.21 -23.41
CA LYS A 365 19.60 -6.95 -23.88
C LYS A 365 19.53 -5.86 -22.82
N PHE A 366 18.35 -5.67 -22.24
CA PHE A 366 18.14 -4.57 -21.29
C PHE A 366 17.61 -5.02 -19.93
N PRO A 367 18.46 -5.70 -19.14
CA PRO A 367 18.04 -6.08 -17.79
C PRO A 367 18.18 -4.93 -16.80
N LEU A 368 17.60 -5.09 -15.61
CA LEU A 368 17.85 -4.16 -14.53
C LEU A 368 19.32 -4.19 -14.18
N SER A 369 19.94 -3.01 -14.10
CA SER A 369 21.38 -2.95 -13.87
C SER A 369 21.78 -1.86 -12.89
N PHE A 370 22.97 -2.00 -12.34
CA PHE A 370 23.54 -0.99 -11.45
C PHE A 370 25.06 -1.04 -11.53
N LYS A 371 25.70 0.04 -11.11
CA LYS A 371 27.15 0.13 -11.20
C LYS A 371 27.78 0.18 -9.81
N THR A 372 28.87 -0.56 -9.63
CA THR A 372 29.58 -0.61 -8.36
C THR A 372 30.85 0.24 -8.41
N PHE A 373 30.92 1.26 -7.55
CA PHE A 373 32.07 2.16 -7.53
C PHE A 373 32.96 1.89 -6.34
N GLY A 374 34.09 1.24 -6.58
CA GLY A 374 35.04 0.91 -5.52
C GLY A 374 34.42 0.08 -4.42
N GLU A 375 34.46 0.59 -3.20
CA GLU A 375 33.89 -0.12 -2.05
C GLU A 375 32.59 0.53 -1.58
N ALA A 376 32.13 1.54 -2.31
CA ALA A 376 30.86 2.19 -2.00
C ALA A 376 29.70 1.22 -2.18
N ILE A 377 28.70 1.33 -1.32
CA ILE A 377 27.56 0.42 -1.34
C ILE A 377 26.50 0.86 -2.36
N PRO A 378 26.25 0.00 -3.36
CA PRO A 378 25.12 0.23 -4.26
C PRO A 378 23.81 -0.08 -3.55
N PRO A 379 22.89 0.89 -3.49
CA PRO A 379 21.59 0.67 -2.83
C PRO A 379 20.85 -0.51 -3.47
N GLN A 380 20.97 -0.65 -4.77
CA GLN A 380 20.35 -1.76 -5.50
C GLN A 380 20.89 -3.10 -4.99
N TYR A 381 22.19 -3.15 -4.75
CA TYR A 381 22.86 -4.35 -4.26
C TYR A 381 22.39 -4.70 -2.84
N ALA A 382 22.21 -3.69 -2.00
CA ALA A 382 21.79 -3.89 -0.62
C ALA A 382 20.44 -4.59 -0.54
N ILE A 383 19.55 -4.23 -1.46
CA ILE A 383 18.22 -4.81 -1.50
C ILE A 383 18.29 -6.24 -2.03
N LYS A 384 19.16 -6.47 -3.00
CA LYS A 384 19.36 -7.82 -3.53
C LYS A 384 19.86 -8.77 -2.45
N VAL A 385 20.79 -8.31 -1.63
CA VAL A 385 21.31 -9.10 -0.52
C VAL A 385 20.20 -9.41 0.48
N LEU A 386 19.36 -8.41 0.76
CA LEU A 386 18.22 -8.60 1.65
C LEU A 386 17.28 -9.66 1.10
N ASP A 387 17.05 -9.61 -0.21
CA ASP A 387 16.23 -10.60 -0.90
C ASP A 387 16.78 -12.01 -0.68
N GLU A 388 18.08 -12.15 -0.90
CA GLU A 388 18.75 -13.44 -0.78
C GLU A 388 18.69 -13.98 0.66
N LEU A 389 19.00 -13.14 1.62
CA LEU A 389 19.09 -13.57 3.01
C LEU A 389 17.72 -13.84 3.63
N THR A 390 16.67 -13.27 3.04
CA THR A 390 15.32 -13.50 3.55
C THR A 390 14.55 -14.45 2.64
N ASP A 391 15.22 -14.96 1.61
CA ASP A 391 14.64 -15.90 0.66
C ASP A 391 13.38 -15.33 0.00
N GLY A 392 13.34 -14.02 -0.16
CA GLY A 392 12.23 -13.33 -0.82
C GLY A 392 10.90 -13.52 -0.11
N LYS A 393 10.94 -13.78 1.19
CA LYS A 393 9.74 -14.08 1.95
C LYS A 393 9.40 -13.01 2.99
N ALA A 394 10.17 -11.93 3.00
CA ALA A 394 9.95 -10.89 4.00
C ALA A 394 8.84 -9.92 3.60
N ILE A 395 8.19 -9.35 4.61
CA ILE A 395 7.28 -8.24 4.39
C ILE A 395 8.09 -6.97 4.29
N ILE A 396 7.91 -6.23 3.20
CA ILE A 396 8.70 -5.03 2.95
C ILE A 396 7.82 -3.78 2.88
N SER A 397 8.05 -2.86 3.80
CA SER A 397 7.43 -1.54 3.73
C SER A 397 8.50 -0.53 3.34
N THR A 398 8.08 0.57 2.71
CA THR A 398 9.03 1.59 2.28
C THR A 398 8.54 3.00 2.52
N GLY A 399 9.46 3.95 2.38
CA GLY A 399 9.11 5.33 2.27
C GLY A 399 8.81 5.68 0.82
N VAL A 400 9.07 6.93 0.45
CA VAL A 400 8.86 7.36 -0.93
C VAL A 400 10.13 8.01 -1.47
N GLY A 401 10.48 7.65 -2.69
CA GLY A 401 11.68 8.20 -3.32
C GLY A 401 12.45 7.15 -4.09
N GLN A 402 13.75 7.38 -4.23
CA GLN A 402 14.63 6.46 -4.95
C GLN A 402 14.66 5.08 -4.32
N HIS A 403 14.78 5.04 -3.00
CA HIS A 403 14.86 3.79 -2.26
C HIS A 403 13.60 2.96 -2.46
N GLN A 404 12.47 3.64 -2.65
CA GLN A 404 11.19 2.99 -2.89
C GLN A 404 11.21 2.25 -4.23
N MET A 405 11.71 2.93 -5.26
CA MET A 405 11.80 2.33 -6.58
C MET A 405 12.76 1.15 -6.60
N TRP A 406 13.89 1.29 -5.91
CA TRP A 406 14.87 0.22 -5.85
C TRP A 406 14.33 -0.97 -5.07
N ALA A 407 13.56 -0.70 -4.03
CA ALA A 407 12.95 -1.78 -3.25
C ALA A 407 11.93 -2.54 -4.11
N ALA A 408 11.33 -1.82 -5.05
CA ALA A 408 10.37 -2.41 -5.96
C ALA A 408 11.06 -3.14 -7.10
N GLN A 409 12.21 -2.63 -7.51
CA GLN A 409 12.94 -3.20 -8.64
C GLN A 409 13.76 -4.44 -8.29
N PHE A 410 14.43 -4.41 -7.15
CA PHE A 410 15.45 -5.40 -6.86
C PHE A 410 15.08 -6.39 -5.76
N TYR A 411 13.80 -6.51 -5.46
CA TYR A 411 13.31 -7.53 -4.54
C TYR A 411 12.23 -8.35 -5.25
N ASN A 412 12.41 -9.66 -5.29
CA ASN A 412 11.46 -10.53 -5.97
C ASN A 412 10.40 -11.07 -5.02
N TYR A 413 9.29 -10.35 -4.96
CA TYR A 413 8.18 -10.72 -4.08
C TYR A 413 7.46 -11.95 -4.62
N LYS A 414 7.31 -12.95 -3.76
CA LYS A 414 6.77 -14.24 -4.15
C LYS A 414 5.27 -14.29 -3.95
N LYS A 415 4.78 -13.53 -2.98
CA LYS A 415 3.37 -13.49 -2.63
C LYS A 415 2.87 -12.05 -2.54
N PRO A 416 1.55 -11.84 -2.69
CA PRO A 416 1.01 -10.50 -2.46
C PRO A 416 1.00 -10.17 -0.97
N ARG A 417 0.89 -8.88 -0.66
CA ARG A 417 0.86 -8.36 0.71
C ARG A 417 2.21 -8.56 1.43
N GLN A 418 3.27 -8.78 0.64
CA GLN A 418 4.62 -8.65 1.14
C GLN A 418 5.08 -7.21 0.95
N TRP A 419 4.56 -6.59 -0.10
CA TRP A 419 4.95 -5.28 -0.54
C TRP A 419 3.97 -4.21 -0.02
N LEU A 420 4.45 -3.37 0.89
CA LEU A 420 3.63 -2.32 1.47
C LEU A 420 4.23 -0.96 1.16
N SER A 421 3.60 -0.22 0.25
CA SER A 421 4.16 1.04 -0.21
C SER A 421 3.08 2.03 -0.63
N SER A 422 3.29 3.30 -0.33
CA SER A 422 2.36 4.34 -0.73
C SER A 422 2.57 4.70 -2.20
N GLY A 423 1.60 4.35 -3.05
CA GLY A 423 1.76 4.52 -4.48
C GLY A 423 1.05 5.72 -5.08
N GLY A 424 -0.25 5.85 -4.79
CA GLY A 424 -1.05 6.91 -5.37
C GLY A 424 -0.74 8.28 -4.81
N LEU A 425 -0.77 8.40 -3.49
CA LEU A 425 -0.44 9.65 -2.84
C LEU A 425 1.07 9.81 -2.72
N GLY A 426 1.76 8.70 -2.49
CA GLY A 426 3.21 8.72 -2.35
C GLY A 426 3.67 9.53 -1.16
N ALA A 427 3.23 9.14 0.03
CA ALA A 427 3.51 9.89 1.25
C ALA A 427 4.79 9.43 1.95
N MET A 428 5.74 10.35 2.11
CA MET A 428 6.90 10.10 2.96
C MET A 428 6.46 9.89 4.40
N GLY A 429 7.23 9.10 5.16
CA GLY A 429 6.93 8.82 6.55
C GLY A 429 6.04 7.61 6.73
N PHE A 430 5.74 6.93 5.63
CA PHE A 430 4.82 5.80 5.62
C PHE A 430 5.49 4.51 6.12
N GLY A 431 6.76 4.34 5.74
CA GLY A 431 7.48 3.09 5.96
C GLY A 431 7.51 2.51 7.36
N LEU A 432 7.99 3.30 8.32
CA LEU A 432 8.15 2.82 9.68
C LEU A 432 6.82 2.50 10.37
N PRO A 433 5.83 3.41 10.31
CA PRO A 433 4.54 3.05 10.92
C PRO A 433 3.85 1.86 10.24
N ALA A 434 3.95 1.78 8.92
CA ALA A 434 3.33 0.68 8.18
C ALA A 434 3.93 -0.66 8.60
N ALA A 435 5.24 -0.66 8.84
CA ALA A 435 5.93 -1.86 9.31
C ALA A 435 5.43 -2.26 10.69
N ILE A 436 5.11 -1.25 11.50
CA ILE A 436 4.56 -1.49 12.83
C ILE A 436 3.25 -2.27 12.75
N GLY A 437 2.34 -1.79 11.90
CA GLY A 437 1.07 -2.45 11.70
C GLY A 437 1.20 -3.84 11.11
N ALA A 438 2.14 -4.00 10.18
CA ALA A 438 2.36 -5.29 9.54
C ALA A 438 2.89 -6.31 10.53
N SER A 439 3.74 -5.86 11.45
CA SER A 439 4.32 -6.75 12.43
C SER A 439 3.27 -7.21 13.45
N VAL A 440 2.37 -6.31 13.81
CA VAL A 440 1.28 -6.65 14.73
C VAL A 440 0.34 -7.65 14.06
N ALA A 441 0.08 -7.43 12.77
CA ALA A 441 -0.78 -8.32 12.01
C ALA A 441 -0.08 -9.65 11.71
N ASN A 442 1.23 -9.60 11.53
CA ASN A 442 2.01 -10.80 11.22
C ASN A 442 3.19 -10.98 12.17
N PRO A 443 2.91 -11.48 13.38
CA PRO A 443 3.87 -11.58 14.49
C PRO A 443 5.06 -12.50 14.21
N ASP A 444 4.88 -13.45 13.30
CA ASP A 444 5.92 -14.44 13.02
C ASP A 444 6.69 -14.11 11.76
N ALA A 445 6.31 -13.03 11.09
CA ALA A 445 6.92 -12.67 9.81
C ALA A 445 8.18 -11.82 9.98
N ILE A 446 9.07 -11.91 9.00
CA ILE A 446 10.18 -10.99 8.89
C ILE A 446 9.68 -9.70 8.29
N VAL A 447 9.74 -8.62 9.07
CA VAL A 447 9.25 -7.33 8.61
C VAL A 447 10.41 -6.33 8.50
N VAL A 448 10.61 -5.81 7.30
CA VAL A 448 11.70 -4.87 7.05
C VAL A 448 11.19 -3.57 6.43
N ASP A 449 11.54 -2.46 7.06
CA ASP A 449 11.25 -1.15 6.49
C ASP A 449 12.47 -0.67 5.72
N ILE A 450 12.37 -0.68 4.40
CA ILE A 450 13.40 -0.11 3.53
C ILE A 450 13.09 1.37 3.35
N ASP A 451 13.83 2.21 4.07
CA ASP A 451 13.48 3.63 4.18
C ASP A 451 14.58 4.55 3.68
N GLY A 452 14.19 5.77 3.31
CA GLY A 452 15.14 6.81 2.97
C GLY A 452 15.35 7.71 4.17
N ASP A 453 16.43 8.47 4.19
CA ASP A 453 16.76 9.28 5.36
C ASP A 453 15.77 10.43 5.56
N GLY A 454 15.26 10.97 4.46
CA GLY A 454 14.25 12.01 4.53
C GLY A 454 12.93 11.45 5.04
N SER A 455 12.54 10.32 4.48
CA SER A 455 11.29 9.66 4.84
C SER A 455 11.30 9.12 6.27
N PHE A 456 12.43 8.54 6.66
CA PHE A 456 12.56 7.90 7.98
C PHE A 456 12.41 8.88 9.13
N ILE A 457 13.00 10.06 8.98
CA ILE A 457 13.02 11.02 10.07
C ILE A 457 11.65 11.67 10.26
N MET A 458 10.82 11.62 9.23
CA MET A 458 9.50 12.25 9.29
C MET A 458 8.62 11.68 10.38
N ASN A 459 8.70 10.36 10.59
CA ASN A 459 7.95 9.73 11.66
C ASN A 459 8.85 8.91 12.56
N VAL A 460 10.03 9.46 12.81
CA VAL A 460 11.06 8.78 13.59
C VAL A 460 10.57 8.50 15.02
N GLN A 461 9.57 9.24 15.47
CA GLN A 461 9.05 9.07 16.83
C GLN A 461 8.41 7.69 17.05
N GLU A 462 8.10 6.99 15.97
CA GLU A 462 7.46 5.69 16.10
C GLU A 462 8.45 4.59 16.49
N LEU A 463 9.74 4.95 16.56
CA LEU A 463 10.75 4.06 17.13
C LEU A 463 10.40 3.72 18.58
N ALA A 464 9.83 4.70 19.29
CA ALA A 464 9.40 4.50 20.66
C ALA A 464 8.28 3.47 20.73
N THR A 465 7.37 3.55 19.77
CA THR A 465 6.27 2.60 19.67
C THR A 465 6.80 1.19 19.45
N ILE A 466 7.80 1.07 18.60
CA ILE A 466 8.38 -0.22 18.25
C ILE A 466 9.01 -0.91 19.46
N ARG A 467 9.77 -0.16 20.26
CA ARG A 467 10.42 -0.72 21.43
C ARG A 467 9.40 -1.12 22.51
N VAL A 468 8.52 -0.20 22.85
CA VAL A 468 7.52 -0.43 23.89
C VAL A 468 6.63 -1.64 23.55
N GLU A 469 6.27 -1.78 22.28
CA GLU A 469 5.41 -2.88 21.85
C GLU A 469 6.21 -4.14 21.53
N ASN A 470 7.54 -4.04 21.65
CA ASN A 470 8.45 -5.15 21.40
C ASN A 470 8.24 -5.81 20.03
N LEU A 471 8.18 -4.99 18.99
CA LEU A 471 8.00 -5.47 17.63
C LEU A 471 9.35 -5.71 16.96
N PRO A 472 9.51 -6.88 16.32
CA PRO A 472 10.75 -7.24 15.63
C PRO A 472 10.90 -6.54 14.28
N VAL A 473 10.68 -5.23 14.24
CA VAL A 473 10.79 -4.45 13.03
C VAL A 473 12.25 -4.17 12.67
N LYS A 474 12.65 -4.58 11.48
CA LYS A 474 13.98 -4.27 10.98
C LYS A 474 13.91 -3.02 10.13
N VAL A 475 14.91 -2.15 10.26
CA VAL A 475 14.98 -0.95 9.44
C VAL A 475 16.22 -0.99 8.56
N LEU A 476 16.03 -1.13 7.26
CA LEU A 476 17.11 -1.01 6.30
C LEU A 476 17.10 0.40 5.73
N LEU A 477 17.91 1.28 6.32
CA LEU A 477 17.92 2.68 5.96
C LEU A 477 18.95 2.95 4.86
N LEU A 478 18.46 3.23 3.66
CA LEU A 478 19.33 3.62 2.55
C LEU A 478 19.61 5.12 2.65
N ASN A 479 20.77 5.45 3.18
CA ASN A 479 21.10 6.83 3.53
C ASN A 479 21.97 7.51 2.47
N ASN A 480 21.39 8.45 1.74
CA ASN A 480 22.12 9.20 0.72
C ASN A 480 22.23 10.69 1.06
N GLN A 481 21.86 11.04 2.29
CA GLN A 481 21.93 12.42 2.79
C GLN A 481 21.16 13.43 1.94
N HIS A 482 20.23 12.92 1.11
CA HIS A 482 19.47 13.79 0.22
C HIS A 482 18.00 13.41 0.14
N LEU A 483 17.20 14.36 -0.33
CA LEU A 483 15.88 14.03 -0.86
C LEU A 483 16.13 13.51 -2.28
N GLY A 484 16.50 12.23 -2.35
CA GLY A 484 17.07 11.63 -3.55
C GLY A 484 16.32 11.80 -4.86
N MET A 485 15.01 11.52 -4.84
N MET A 485 15.01 11.53 -4.84
CA MET A 485 14.22 11.59 -6.05
CA MET A 485 14.19 11.58 -6.05
C MET A 485 14.13 13.01 -6.59
C MET A 485 14.10 13.00 -6.59
N VAL A 486 14.03 13.98 -5.69
CA VAL A 486 14.01 15.39 -6.10
C VAL A 486 15.37 15.77 -6.66
N MET A 487 16.42 15.28 -6.02
CA MET A 487 17.78 15.49 -6.48
C MET A 487 17.98 14.94 -7.90
N GLN A 488 17.38 13.78 -8.17
CA GLN A 488 17.48 13.16 -9.49
C GLN A 488 16.86 14.01 -10.58
N TRP A 489 15.67 14.55 -10.30
CA TRP A 489 14.97 15.40 -11.26
C TRP A 489 15.70 16.74 -11.43
N GLU A 490 16.34 17.22 -10.38
CA GLU A 490 17.20 18.40 -10.48
C GLU A 490 18.34 18.15 -11.45
N ASP A 491 18.95 16.97 -11.36
CA ASP A 491 20.06 16.58 -12.23
C ASP A 491 19.62 16.49 -13.69
N ARG A 492 18.52 15.80 -13.94
CA ARG A 492 18.05 15.55 -15.29
C ARG A 492 17.46 16.78 -15.98
N PHE A 493 16.74 17.60 -15.20
CA PHE A 493 15.92 18.63 -15.83
C PHE A 493 16.20 20.07 -15.36
N TYR A 494 17.07 20.23 -14.38
CA TYR A 494 17.39 21.57 -13.87
C TYR A 494 18.88 21.80 -13.70
N LYS A 495 19.67 21.10 -14.53
CA LYS A 495 21.12 21.28 -14.58
C LYS A 495 21.77 21.09 -13.21
N ALA A 496 21.23 20.15 -12.43
CA ALA A 496 21.74 19.83 -11.10
C ALA A 496 21.76 21.02 -10.14
N ASN A 497 20.87 21.98 -10.36
CA ASN A 497 20.76 23.12 -9.44
C ASN A 497 20.01 22.71 -8.17
N ARG A 498 20.74 22.59 -7.07
CA ARG A 498 20.16 22.15 -5.81
C ARG A 498 19.21 23.18 -5.22
N ALA A 499 17.99 22.75 -4.94
CA ALA A 499 17.02 23.60 -4.27
C ALA A 499 16.48 22.91 -3.02
N HIS A 500 17.26 22.97 -1.94
CA HIS A 500 16.89 22.46 -0.63
C HIS A 500 16.62 20.96 -0.64
N THR A 501 17.53 20.18 -1.23
CA THR A 501 17.39 18.73 -1.26
C THR A 501 18.44 18.02 -0.41
N PHE A 502 19.42 18.78 0.10
CA PHE A 502 20.44 18.23 0.98
C PHE A 502 19.95 18.18 2.43
N LEU A 503 20.04 17.01 3.04
CA LEU A 503 19.48 16.79 4.37
C LEU A 503 20.52 16.79 5.49
N GLY A 504 21.80 16.87 5.12
CA GLY A 504 22.87 16.89 6.11
C GLY A 504 23.16 18.29 6.62
N ASP A 505 24.29 18.45 7.31
CA ASP A 505 24.68 19.74 7.87
C ASP A 505 25.82 20.33 7.03
N PRO A 506 25.54 21.46 6.37
CA PRO A 506 26.51 22.13 5.48
C PRO A 506 27.78 22.60 6.22
N ALA A 507 27.68 22.76 7.54
CA ALA A 507 28.82 23.16 8.36
C ALA A 507 29.76 21.99 8.62
N GLN A 508 29.33 20.80 8.21
CA GLN A 508 30.10 19.57 8.39
C GLN A 508 29.66 18.57 7.33
N GLU A 509 29.72 18.99 6.07
CA GLU A 509 29.02 18.31 4.97
C GLU A 509 29.51 16.90 4.65
N ASP A 510 30.68 16.52 5.16
CA ASP A 510 31.18 15.18 4.94
C ASP A 510 31.01 14.31 6.19
N GLU A 511 30.15 14.77 7.09
CA GLU A 511 29.72 13.97 8.24
C GLU A 511 28.27 13.54 8.02
N ILE A 512 27.96 12.29 8.34
CA ILE A 512 26.60 11.80 8.20
C ILE A 512 25.69 12.50 9.22
N PHE A 513 24.68 13.20 8.72
CA PHE A 513 23.76 13.94 9.58
C PHE A 513 22.31 13.76 9.14
N PRO A 514 21.41 13.50 10.10
CA PRO A 514 21.73 13.26 11.51
C PRO A 514 22.33 11.88 11.74
N ASN A 515 22.69 11.60 13.00
CA ASN A 515 23.16 10.27 13.36
C ASN A 515 21.97 9.40 13.74
N MET A 516 21.48 8.64 12.77
CA MET A 516 20.28 7.83 12.95
C MET A 516 20.47 6.73 13.99
N LEU A 517 21.72 6.36 14.22
CA LEU A 517 22.04 5.36 15.23
C LEU A 517 21.61 5.83 16.62
N LEU A 518 21.73 7.13 16.86
CA LEU A 518 21.40 7.69 18.15
C LEU A 518 19.90 7.88 18.32
N PHE A 519 19.17 8.00 17.21
CA PHE A 519 17.71 7.99 17.26
C PHE A 519 17.26 6.63 17.79
N ALA A 520 17.87 5.57 17.28
CA ALA A 520 17.56 4.21 17.71
C ALA A 520 17.97 3.99 19.15
N ALA A 521 19.17 4.46 19.51
CA ALA A 521 19.68 4.32 20.86
C ALA A 521 18.78 5.02 21.88
N ALA A 522 18.20 6.15 21.45
CA ALA A 522 17.28 6.91 22.30
C ALA A 522 16.07 6.06 22.69
N CYS A 523 15.69 5.14 21.80
CA CYS A 523 14.54 4.29 22.04
C CYS A 523 14.95 2.85 22.34
N GLY A 524 16.19 2.68 22.78
CA GLY A 524 16.68 1.37 23.18
C GLY A 524 16.67 0.33 22.09
N ILE A 525 16.86 0.78 20.85
CA ILE A 525 16.88 -0.12 19.71
C ILE A 525 18.30 -0.28 19.19
N PRO A 526 18.79 -1.53 19.14
CA PRO A 526 20.15 -1.80 18.64
C PRO A 526 20.30 -1.38 17.19
N ALA A 527 21.47 -0.83 16.86
CA ALA A 527 21.69 -0.29 15.53
C ALA A 527 23.16 -0.39 15.12
N ALA A 528 23.40 -0.21 13.82
CA ALA A 528 24.75 -0.23 13.28
C ALA A 528 24.79 0.53 11.96
N ARG A 529 25.99 0.94 11.57
CA ARG A 529 26.19 1.61 10.28
C ARG A 529 27.18 0.83 9.43
N VAL A 530 26.86 0.66 8.16
CA VAL A 530 27.76 0.00 7.23
C VAL A 530 28.05 0.93 6.05
N THR A 531 29.32 1.00 5.63
CA THR A 531 29.74 1.93 4.60
C THR A 531 30.42 1.21 3.43
N LYS A 532 31.06 0.08 3.73
CA LYS A 532 31.77 -0.68 2.72
C LYS A 532 30.94 -1.86 2.22
N LYS A 533 30.91 -2.05 0.91
CA LYS A 533 30.12 -3.12 0.28
C LYS A 533 30.50 -4.51 0.80
N ALA A 534 31.77 -4.67 1.15
CA ALA A 534 32.27 -5.95 1.66
C ALA A 534 31.63 -6.33 3.00
N ASP A 535 31.30 -5.33 3.81
CA ASP A 535 30.76 -5.57 5.13
C ASP A 535 29.24 -5.67 5.13
N LEU A 536 28.64 -5.36 3.98
CA LEU A 536 27.19 -5.24 3.87
C LEU A 536 26.44 -6.54 4.15
N ARG A 537 26.97 -7.64 3.63
CA ARG A 537 26.30 -8.93 3.76
C ARG A 537 26.19 -9.37 5.23
N GLU A 538 27.29 -9.26 5.97
CA GLU A 538 27.28 -9.65 7.37
C GLU A 538 26.43 -8.70 8.21
N ALA A 539 26.42 -7.43 7.85
CA ALA A 539 25.65 -6.42 8.56
C ALA A 539 24.15 -6.69 8.47
N ILE A 540 23.69 -7.03 7.27
CA ILE A 540 22.29 -7.34 7.07
C ILE A 540 21.93 -8.64 7.78
N GLN A 541 22.84 -9.60 7.73
CA GLN A 541 22.65 -10.87 8.42
C GLN A 541 22.53 -10.65 9.92
N THR A 542 23.36 -9.75 10.46
CA THR A 542 23.32 -9.41 11.88
C THR A 542 21.97 -8.76 12.24
N MET A 543 21.50 -7.87 11.37
CA MET A 543 20.20 -7.23 11.56
C MET A 543 19.08 -8.28 11.64
N LEU A 544 19.12 -9.26 10.75
CA LEU A 544 18.08 -10.29 10.70
C LEU A 544 18.19 -11.26 11.87
N ASP A 545 19.41 -11.61 12.25
CA ASP A 545 19.63 -12.63 13.29
C ASP A 545 19.44 -12.07 14.70
N THR A 546 19.62 -10.77 14.86
CA THR A 546 19.44 -10.13 16.16
C THR A 546 17.95 -10.03 16.50
N PRO A 547 17.52 -10.73 17.55
CA PRO A 547 16.12 -10.75 17.97
C PRO A 547 15.59 -9.36 18.31
N GLY A 548 14.36 -9.07 17.91
CA GLY A 548 13.75 -7.78 18.18
C GLY A 548 14.08 -6.74 17.12
N PRO A 549 13.71 -5.48 17.39
CA PRO A 549 13.93 -4.36 16.46
C PRO A 549 15.41 -4.11 16.20
N TYR A 550 15.73 -3.58 15.02
CA TYR A 550 17.11 -3.32 14.65
C TYR A 550 17.16 -2.27 13.53
N LEU A 551 18.12 -1.37 13.62
CA LEU A 551 18.33 -0.36 12.59
C LEU A 551 19.69 -0.51 11.91
N LEU A 552 19.68 -0.68 10.61
CA LEU A 552 20.93 -0.71 9.85
C LEU A 552 21.03 0.51 8.95
N ASP A 553 21.98 1.39 9.27
CA ASP A 553 22.21 2.59 8.50
C ASP A 553 23.17 2.29 7.34
N VAL A 554 22.61 2.18 6.13
CA VAL A 554 23.40 1.85 4.94
C VAL A 554 23.79 3.12 4.18
N ILE A 555 25.06 3.48 4.23
CA ILE A 555 25.53 4.69 3.59
C ILE A 555 25.73 4.48 2.10
N CYS A 556 25.06 5.30 1.29
CA CYS A 556 25.07 5.15 -0.16
C CYS A 556 25.51 6.45 -0.84
N PRO A 557 26.25 6.33 -1.96
CA PRO A 557 26.60 7.51 -2.76
C PRO A 557 25.35 8.16 -3.32
N HIS A 558 25.23 9.48 -3.20
CA HIS A 558 23.99 10.16 -3.54
C HIS A 558 23.80 10.37 -5.04
N GLN A 559 24.87 10.19 -5.81
CA GLN A 559 24.82 10.43 -7.26
C GLN A 559 24.06 9.36 -8.03
N GLU A 560 23.57 8.33 -7.33
CA GLU A 560 22.80 7.26 -7.96
C GLU A 560 21.48 7.79 -8.53
N HIS A 561 21.10 7.26 -9.69
CA HIS A 561 19.81 7.57 -10.30
C HIS A 561 18.99 6.30 -10.49
N VAL A 562 17.67 6.43 -10.36
CA VAL A 562 16.78 5.30 -10.64
C VAL A 562 16.61 5.13 -12.14
N LEU A 563 16.92 3.93 -12.63
CA LEU A 563 16.81 3.61 -14.05
C LEU A 563 16.09 2.28 -14.23
N PRO A 564 15.39 2.10 -15.37
CA PRO A 564 15.16 3.07 -16.45
C PRO A 564 14.18 4.16 -16.05
N MET A 565 14.04 5.17 -16.89
CA MET A 565 13.08 6.24 -16.63
C MET A 565 12.40 6.72 -17.90
N ILE A 566 11.09 6.60 -17.94
CA ILE A 566 10.30 7.23 -18.98
C ILE A 566 9.81 8.57 -18.45
N PRO A 567 10.22 9.67 -19.11
CA PRO A 567 9.89 11.03 -18.67
C PRO A 567 8.39 11.25 -18.56
N SER A 568 8.00 12.22 -17.76
CA SER A 568 6.59 12.52 -17.50
C SER A 568 5.81 12.79 -18.78
N GLY A 569 4.73 12.04 -18.97
CA GLY A 569 3.90 12.19 -20.16
C GLY A 569 4.60 11.76 -21.43
N GLY A 570 5.63 10.93 -21.29
CA GLY A 570 6.41 10.49 -22.43
C GLY A 570 5.99 9.13 -22.96
N THR A 571 6.73 8.65 -23.94
CA THR A 571 6.44 7.36 -24.58
C THR A 571 7.59 6.40 -24.35
N PHE A 572 7.41 5.16 -24.80
CA PHE A 572 8.46 4.14 -24.66
C PHE A 572 9.73 4.53 -25.40
N ASN A 573 9.56 5.26 -26.51
N ASN A 573 9.56 5.26 -26.51
CA ASN A 573 10.71 5.71 -27.31
CA ASN A 573 10.70 5.72 -27.31
C ASN A 573 11.53 6.79 -26.60
C ASN A 573 11.57 6.72 -26.55
N ASP A 574 10.99 7.31 -25.50
CA ASP A 574 11.68 8.34 -24.74
C ASP A 574 12.43 7.78 -23.53
N VAL A 575 12.44 6.46 -23.38
CA VAL A 575 13.00 5.84 -22.17
C VAL A 575 14.48 6.14 -21.99
N ILE A 576 14.84 6.53 -20.77
CA ILE A 576 16.23 6.79 -20.42
C ILE A 576 16.83 5.56 -19.74
N THR A 577 17.94 5.07 -20.26
CA THR A 577 18.51 3.81 -19.76
C THR A 577 19.89 3.97 -19.15
N GLU A 578 20.49 5.15 -19.30
CA GLU A 578 21.81 5.40 -18.72
C GLU A 578 21.95 6.82 -18.17
N GLY A 579 22.93 6.99 -17.28
CA GLY A 579 23.21 8.29 -16.70
C GLY A 579 22.96 8.38 -15.21
N ASP A 580 23.69 9.29 -14.56
CA ASP A 580 23.47 9.57 -13.15
C ASP A 580 23.88 11.00 -12.81
N GLY A 581 24.24 11.25 -11.55
CA GLY A 581 24.62 12.59 -11.13
C GLY A 581 26.11 12.80 -10.99
N ARG A 582 26.90 11.98 -11.68
CA ARG A 582 28.36 12.05 -11.57
C ARG A 582 28.99 12.87 -12.70
MG MG B . 17.51 10.23 0.85
PA FAD C . -4.56 0.59 -7.79
O1A FAD C . -3.79 -0.52 -7.05
O2A FAD C . -4.27 1.94 -7.16
O5B FAD C . -6.15 0.32 -7.69
C5B FAD C . -6.65 -1.02 -7.91
C4B FAD C . -7.61 -0.98 -9.10
O4B FAD C . -8.19 -2.28 -9.27
C3B FAD C . -8.76 -0.05 -8.83
O3B FAD C . -9.23 0.48 -10.08
C2B FAD C . -9.78 -0.92 -8.21
O2B FAD C . -11.10 -0.41 -8.47
C1B FAD C . -9.59 -2.20 -8.89
N9A FAD C . -9.90 -3.30 -8.05
C8A FAD C . -9.73 -3.38 -6.74
N7A FAD C . -10.15 -4.57 -6.32
C5A FAD C . -10.60 -5.30 -7.38
C6A FAD C . -11.15 -6.60 -7.61
N6A FAD C . -11.33 -7.47 -6.54
N1A FAD C . -11.49 -6.97 -8.85
C2A FAD C . -11.31 -6.16 -9.87
N3A FAD C . -10.81 -4.93 -9.72
C4A FAD C . -10.44 -4.47 -8.50
N1 FAD C . 3.53 2.54 -10.47
C2 FAD C . 3.93 1.68 -11.53
O2 FAD C . 3.22 0.74 -11.82
N3 FAD C . 5.11 1.90 -12.21
C4 FAD C . 5.92 2.97 -11.87
O4 FAD C . 6.96 3.16 -12.48
C4X FAD C . 5.50 3.91 -10.75
N5 FAD C . 6.29 5.00 -10.37
C5X FAD C . 6.06 5.56 -9.15
C6 FAD C . 7.03 6.39 -8.56
C7 FAD C . 6.79 6.96 -7.31
C7M FAD C . 7.87 7.87 -6.67
C8 FAD C . 5.60 6.71 -6.63
C8M FAD C . 5.36 7.35 -5.26
C9 FAD C . 4.63 5.89 -7.20
C9A FAD C . 4.86 5.31 -8.47
N10 FAD C . 3.91 4.49 -9.05
C10 FAD C . 4.32 3.67 -10.08
C1' FAD C . 2.70 4.18 -8.38
C2' FAD C . 1.49 4.82 -9.11
O2' FAD C . 1.43 6.19 -8.76
C3' FAD C . 0.15 4.10 -8.66
O3' FAD C . 0.13 3.98 -7.31
C4' FAD C . 0.04 2.74 -9.29
O4' FAD C . 0.72 2.71 -10.55
C5' FAD C . -1.40 2.40 -9.53
O5' FAD C . -1.61 1.06 -9.20
P FAD C . -2.79 0.26 -9.94
O1P FAD C . -2.80 0.68 -11.42
O2P FAD C . -2.53 -1.24 -9.83
O3P FAD C . -4.17 0.60 -9.31
K K D . 7.04 13.49 13.36
FAE PXD E . 2.40 13.40 -16.92
FAE PXD E . 1.46 14.40 -17.85
CBC PXD E . 1.93 14.74 -17.00
CBC PXD E . 2.22 15.07 -16.85
FAF PXD E . 2.90 15.52 -17.61
FAF PXD E . 2.28 16.42 -17.15
CAN PXD E . 1.65 15.27 -15.61
CAN PXD E . 1.55 14.88 -15.52
OAU PXD E . 2.41 14.46 -14.68
OAU PXD E . 2.53 14.39 -14.60
CAW PXD E . 2.03 14.65 -13.28
CAW PXD E . 2.17 14.60 -13.20
CAK PXD E . 0.76 14.28 -12.85
CAK PXD E . 0.91 14.23 -12.75
CAJ PXD E . 0.40 14.46 -11.53
CAJ PXD E . 0.56 14.42 -11.43
CAL PXD E . 1.35 15.04 -10.60
CAL PXD E . 1.51 15.01 -10.53
CAY PXD E . 2.59 15.41 -11.01
CAY PXD E . 2.74 15.38 -10.94
CBE PXD E . 3.49 16.01 -9.93
CBE PXD E . 3.63 16.00 -9.87
FAH PXD E . 2.72 16.53 -8.95
FAH PXD E . 2.83 16.42 -8.86
FAI PXD E . 4.27 15.05 -9.41
FAI PXD E . 4.50 15.12 -9.37
FAG PXD E . 4.25 16.99 -10.48
FAG PXD E . 4.28 17.08 -10.37
CBA PXD E . 2.96 15.21 -12.39
CBA PXD E . 3.11 15.18 -12.33
SBF PXD E . 4.53 15.64 -13.08
SBF PXD E . 4.67 15.59 -13.06
OAC PXD E . 4.38 16.67 -14.17
OAC PXD E . 4.51 16.60 -14.17
OAD PXD E . 5.04 14.54 -13.84
OAD PXD E . 5.16 14.46 -13.78
NAR PXD E . 5.68 16.14 -11.95
NAR PXD E . 5.84 16.10 -11.96
CAV PXD E . 6.49 15.19 -11.29
CAV PXD E . 6.62 15.14 -11.29
NAQ PXD E . 7.62 15.48 -10.56
NAQ PXD E . 7.69 15.44 -10.49
NAP PXD E . 6.31 13.87 -11.25
NAP PXD E . 6.43 13.82 -11.28
CBB PXD E . 7.36 13.30 -10.46
CBB PXD E . 7.46 13.24 -10.44
NBD PXD E . 8.14 14.28 -10.07
NBD PXD E . 8.18 14.24 -10.00
CAZ PXD E . 9.25 14.06 -9.28
CAZ PXD E . 9.26 14.02 -9.16
OAT PXD E . 10.05 15.16 -8.88
OAT PXD E . 10.00 15.14 -8.72
CAB PXD E . 11.18 14.79 -8.05
CAB PXD E . 11.21 14.79 -7.97
NAO PXD E . 9.59 12.74 -8.88
NAO PXD E . 9.61 12.71 -8.76
CAM PXD E . 8.81 11.70 -9.29
CAM PXD E . 8.87 11.66 -9.22
CAX PXD E . 7.69 11.94 -10.07
CAX PXD E . 7.78 11.89 -10.06
OAS PXD E . 6.88 10.89 -10.49
OAS PXD E . 7.02 10.83 -10.53
CAA PXD E . 7.28 9.61 -10.04
CAA PXD E . 7.36 9.57 -9.99
C F50 F . 7.96 12.94 -5.37
OX1 F50 F . 7.11 15.08 -5.32
O F50 F . 7.48 12.04 -4.70
OXT F50 F . 7.13 13.82 -6.07
CH3 F50 F . 9.45 13.11 -5.43
N1' TP9 G . 6.58 15.34 1.38
C2' TP9 G . 5.94 14.18 1.56
CM2 TP9 G . 5.22 13.96 2.85
N3' TP9 G . 5.94 13.23 0.61
C4' TP9 G . 6.58 13.44 -0.55
N4' TP9 G . 6.57 12.42 -1.55
C5' TP9 G . 7.26 14.64 -0.76
C6' TP9 G . 7.25 15.61 0.24
C7' TP9 G . 8.00 14.91 -2.03
N3 TP9 G . 8.97 13.89 -2.30
S1 TP9 G . 10.48 11.43 -2.66
C5 TP9 G . 11.08 12.84 -1.80
C4 TP9 G . 10.29 13.96 -1.74
CM4 TP9 G . 10.79 15.22 -1.11
C6 TP9 G . 12.42 12.79 -1.13
C7 TP9 G . 12.67 11.44 -0.54
O7 TP9 G . 13.92 11.46 0.07
PA TP9 G . 14.24 10.10 0.78
O1A TP9 G . 15.53 10.25 1.52
O2A TP9 G . 13.16 9.82 1.78
O3A TP9 G . 14.31 8.88 -0.19
PB TP9 G . 15.36 8.96 -1.36
O1B TP9 G . 15.79 7.55 -1.64
O2B TP9 G . 14.70 9.54 -2.64
O3B TP9 G . 16.56 9.78 -0.99
#